data_8CIW
#
_entry.id   8CIW
#
_cell.length_a   139.805
_cell.length_b   169.563
_cell.length_c   118.390
_cell.angle_alpha   90.00
_cell.angle_beta   90.00
_cell.angle_gamma   90.00
#
_symmetry.space_group_name_H-M   'C 2 2 21'
#
loop_
_entity.id
_entity.type
_entity.pdbx_description
1 polymer '(2S)-methylsuccinyl-CoA dehydrogenase'
2 non-polymer 'FLAVIN-ADENINE DINUCLEOTIDE'
3 non-polymer (2S)-Methylsuccinyl-CoA
4 non-polymer 'HEXAETHYLENE GLYCOL'
5 non-polymer 'CITRATE ANION'
6 non-polymer 'COENZYME A'
7 water water
#
_entity_poly.entity_id   1
_entity_poly.type   'polypeptide(L)'
_entity_poly.pdbx_seq_one_letter_code
;MLPITAADDVQGLLLQLRGLLEQAISALASRCTKGRQLDAELLDLMQVPTFELAWASAELLAAERSLQAIDAGTSSVDRR
LILVFAVEAITLVHSRLEAIYAELDLADGTLHAIAADQKLRALRRSVLSSTALHDSARLMVERPEQIGQVAMGDELSMIE
DQFRRFAADTVAPLAEHIHREDLIIPDSLLAALRDMGVFGLSIPERYGGSAPDDQEDPLTMIVVTEALSQASLAAAGSLI
TRPEILSRALLSGGTESQKQHWLARLAVGDPLCAIAITEPDYGSDVAGLTLRGTPCEGGWRLNGAKTWCTFAGKAGVLMV
VTRTNPDKSLGHRGLSLLLAEKPSYDGHEFDFRQPGGGSLTGRAIPTIGYRGMHSFDLSFEDFFVPDGNVIGEAQGLGKG
FYHTMAGMTGGRMQTAGRASGVMRAALLAGLRYATERKVFGSPLLDYPLTGAKLTKMAARYVASRYLTYSVGRMLAQGEG
RMEASLVKLFACRSAELVTRESLQIHGGMGYAEEVAVSRYFVDARVLSIFEGAEETLALKVIGRSLLEAALKAEA
;
_entity_poly.pdbx_strand_id   A,B
#
# COMPACT_ATOMS: atom_id res chain seq x y z
N MET A 1 33.53 4.67 -1.25
CA MET A 1 33.38 5.17 -2.62
C MET A 1 32.99 4.07 -3.62
N LEU A 2 32.18 4.44 -4.61
CA LEU A 2 31.75 3.51 -5.63
C LEU A 2 32.86 3.32 -6.67
N PRO A 3 32.83 2.22 -7.43
CA PRO A 3 33.83 2.04 -8.49
C PRO A 3 33.73 3.15 -9.53
N ILE A 4 34.88 3.52 -10.10
CA ILE A 4 34.90 4.63 -11.04
C ILE A 4 34.22 4.24 -12.35
N THR A 5 34.07 2.95 -12.63
CA THR A 5 33.46 2.50 -13.86
C THR A 5 31.94 2.37 -13.78
N ALA A 6 31.32 2.66 -12.62
CA ALA A 6 29.93 2.26 -12.40
C ALA A 6 28.99 2.95 -13.38
N ALA A 7 29.16 4.26 -13.59
CA ALA A 7 28.25 5.00 -14.48
C ALA A 7 28.33 4.45 -15.91
N ASP A 8 29.54 4.18 -16.41
CA ASP A 8 29.66 3.61 -17.75
C ASP A 8 29.04 2.22 -17.85
N ASP A 9 29.27 1.36 -16.85
CA ASP A 9 28.70 0.02 -16.88
C ASP A 9 27.17 0.09 -16.88
N VAL A 10 26.61 0.95 -16.03
CA VAL A 10 25.16 1.10 -15.97
C VAL A 10 24.61 1.57 -17.33
N GLN A 11 25.24 2.59 -17.92
CA GLN A 11 24.75 3.12 -19.20
C GLN A 11 24.76 2.05 -20.27
N GLY A 12 25.84 1.26 -20.34
CA GLY A 12 25.90 0.19 -21.34
C GLY A 12 24.80 -0.83 -21.18
N LEU A 13 24.51 -1.23 -19.94
CA LEU A 13 23.49 -2.24 -19.69
C LEU A 13 22.09 -1.71 -19.97
N LEU A 14 21.85 -0.44 -19.65
CA LEU A 14 20.54 0.14 -19.93
C LEU A 14 20.30 0.24 -21.43
N LEU A 15 21.35 0.53 -22.21
CA LEU A 15 21.21 0.58 -23.66
C LEU A 15 20.92 -0.79 -24.24
N GLN A 16 21.53 -1.83 -23.68
CA GLN A 16 21.18 -3.19 -24.12
C GLN A 16 19.71 -3.48 -23.84
N LEU A 17 19.23 -3.13 -22.64
CA LEU A 17 17.83 -3.36 -22.32
C LEU A 17 16.90 -2.54 -23.22
N ARG A 18 17.30 -1.31 -23.54
CA ARG A 18 16.48 -0.49 -24.43
C ARG A 18 16.29 -1.15 -25.79
N GLY A 19 17.37 -1.70 -26.36
CA GLY A 19 17.22 -2.47 -27.59
C GLY A 19 16.21 -3.60 -27.47
N LEU A 20 16.28 -4.37 -26.39
CA LEU A 20 15.33 -5.47 -26.22
C LEU A 20 13.92 -4.97 -26.02
N LEU A 21 13.78 -3.84 -25.31
CA LEU A 21 12.47 -3.24 -25.12
C LEU A 21 11.87 -2.78 -26.45
N GLU A 22 12.68 -2.13 -27.29
CA GLU A 22 12.22 -1.67 -28.60
C GLU A 22 11.88 -2.83 -29.52
N GLN A 23 12.62 -3.95 -29.42
CA GLN A 23 12.27 -5.13 -30.19
C GLN A 23 10.92 -5.71 -29.77
N ALA A 24 10.63 -5.72 -28.47
CA ALA A 24 9.35 -6.27 -28.01
C ALA A 24 8.19 -5.36 -28.41
N ILE A 25 8.41 -4.05 -28.41
CA ILE A 25 7.36 -3.12 -28.82
C ILE A 25 7.00 -3.32 -30.29
N SER A 26 7.99 -3.49 -31.16
CA SER A 26 7.68 -3.75 -32.57
C SER A 26 6.99 -5.09 -32.73
N ALA A 27 7.42 -6.11 -31.98
CA ALA A 27 6.76 -7.41 -32.06
C ALA A 27 5.30 -7.29 -31.62
N LEU A 28 5.05 -6.59 -30.52
CA LEU A 28 3.68 -6.38 -30.06
C LEU A 28 2.88 -5.55 -31.06
N ALA A 29 3.50 -4.51 -31.63
CA ALA A 29 2.80 -3.66 -32.57
C ALA A 29 2.31 -4.47 -33.77
N SER A 30 3.09 -5.46 -34.21
CA SER A 30 2.65 -6.32 -35.31
C SER A 30 1.50 -7.24 -34.91
N ARG A 31 1.43 -7.66 -33.64
CA ARG A 31 0.32 -8.51 -33.21
C ARG A 31 -0.96 -7.72 -32.95
N CYS A 32 -0.92 -6.39 -33.01
CA CYS A 32 -2.09 -5.56 -32.77
C CYS A 32 -2.58 -4.86 -34.02
N THR A 33 -1.97 -5.13 -35.17
CA THR A 33 -2.29 -4.42 -36.39
C THR A 33 -3.06 -5.32 -37.33
N LYS A 34 -4.01 -4.72 -38.02
CA LYS A 34 -4.75 -5.43 -39.07
C LYS A 34 -4.84 -4.42 -40.20
N GLY A 35 -4.28 -4.76 -41.34
CA GLY A 35 -4.36 -3.84 -42.49
C GLY A 35 -3.65 -2.54 -42.20
N ARG A 36 -2.39 -2.60 -41.78
CA ARG A 36 -1.60 -1.35 -41.64
C ARG A 36 -2.17 -0.41 -40.57
N GLN A 37 -3.00 -0.91 -39.65
CA GLN A 37 -3.47 0.00 -38.58
C GLN A 37 -3.68 -0.77 -37.28
N LEU A 38 -3.51 -0.09 -36.16
CA LEU A 38 -3.80 -0.75 -34.89
C LEU A 38 -5.27 -1.11 -34.84
N ASP A 39 -5.56 -2.27 -34.26
CA ASP A 39 -6.90 -2.81 -34.19
C ASP A 39 -7.38 -2.78 -32.75
N ALA A 40 -8.55 -2.16 -32.52
CA ALA A 40 -9.08 -2.03 -31.16
C ALA A 40 -9.27 -3.39 -30.50
N GLU A 41 -9.75 -4.38 -31.26
CA GLU A 41 -10.02 -5.69 -30.69
C GLU A 41 -8.73 -6.40 -30.27
N LEU A 42 -7.70 -6.36 -31.12
CA LEU A 42 -6.42 -6.98 -30.79
C LEU A 42 -5.74 -6.26 -29.62
N LEU A 43 -5.84 -4.92 -29.56
CA LEU A 43 -5.33 -4.20 -28.42
C LEU A 43 -5.94 -4.73 -27.11
N ASP A 44 -7.26 -4.86 -27.06
CA ASP A 44 -7.88 -5.44 -25.86
C ASP A 44 -7.36 -6.83 -25.58
N LEU A 45 -7.20 -7.65 -26.62
CA LEU A 45 -6.66 -9.00 -26.44
C LEU A 45 -5.27 -8.98 -25.80
N MET A 46 -4.44 -8.00 -26.16
CA MET A 46 -3.02 -8.00 -25.81
C MET A 46 -2.68 -7.07 -24.66
N GLN A 47 -3.65 -6.80 -23.78
CA GLN A 47 -3.44 -5.83 -22.70
C GLN A 47 -2.29 -6.22 -21.78
N VAL A 48 -2.10 -7.50 -21.48
CA VAL A 48 -1.12 -7.87 -20.46
C VAL A 48 0.30 -7.49 -20.88
N PRO A 49 0.82 -7.92 -22.04
CA PRO A 49 2.13 -7.41 -22.45
C PRO A 49 2.16 -5.91 -22.69
N THR A 50 1.05 -5.30 -23.12
CA THR A 50 1.01 -3.85 -23.28
C THR A 50 1.24 -3.15 -21.93
N PHE A 51 0.53 -3.60 -20.90
CA PHE A 51 0.72 -3.05 -19.57
C PHE A 51 2.16 -3.22 -19.09
N GLU A 52 2.72 -4.42 -19.24
CA GLU A 52 4.07 -4.66 -18.74
C GLU A 52 5.11 -3.84 -19.49
N LEU A 53 4.92 -3.64 -20.80
CA LEU A 53 5.84 -2.83 -21.61
C LEU A 53 5.77 -1.35 -21.23
N ALA A 54 4.57 -0.86 -20.89
CA ALA A 54 4.44 0.51 -20.40
C ALA A 54 5.23 0.72 -19.11
N TRP A 55 5.12 -0.23 -18.18
CA TRP A 55 5.88 -0.13 -16.93
C TRP A 55 7.39 -0.29 -17.16
N ALA A 56 7.79 -1.25 -18.01
CA ALA A 56 9.21 -1.36 -18.32
C ALA A 56 9.75 -0.08 -18.93
N SER A 57 8.94 0.61 -19.74
CA SER A 57 9.38 1.84 -20.39
C SER A 57 9.51 2.98 -19.38
N ALA A 58 8.59 3.05 -18.41
CA ALA A 58 8.67 4.06 -17.35
C ALA A 58 9.95 3.90 -16.55
N GLU A 59 10.24 2.67 -16.12
CA GLU A 59 11.41 2.43 -15.29
C GLU A 59 12.69 2.68 -16.07
N LEU A 60 12.72 2.23 -17.33
CA LEU A 60 13.89 2.48 -18.16
C LEU A 60 14.14 3.97 -18.32
N LEU A 61 13.08 4.73 -18.62
CA LEU A 61 13.28 6.14 -18.88
C LEU A 61 13.63 6.91 -17.62
N ALA A 62 13.04 6.53 -16.47
CA ALA A 62 13.47 7.11 -15.19
C ALA A 62 14.98 6.91 -14.98
N ALA A 63 15.49 5.72 -15.26
CA ALA A 63 16.90 5.44 -15.00
C ALA A 63 17.80 6.22 -15.96
N GLU A 64 17.44 6.25 -17.25
CA GLU A 64 18.21 6.98 -18.26
C GLU A 64 18.26 8.48 -17.95
N ARG A 65 17.10 9.10 -17.78
CA ARG A 65 17.07 10.59 -17.58
C ARG A 65 17.82 10.97 -16.30
N SER A 66 17.74 10.14 -15.25
CA SER A 66 18.48 10.38 -14.03
C SER A 66 19.99 10.28 -14.29
N LEU A 67 20.40 9.20 -14.96
CA LEU A 67 21.82 9.00 -15.26
C LEU A 67 22.37 10.11 -16.15
N GLN A 68 21.59 10.51 -17.17
CA GLN A 68 22.00 11.60 -18.06
C GLN A 68 22.19 12.91 -17.32
N ALA A 69 21.60 13.05 -16.14
CA ALA A 69 21.68 14.32 -15.44
C ALA A 69 22.98 14.53 -14.69
N ILE A 70 23.76 13.47 -14.44
CA ILE A 70 24.94 13.60 -13.62
C ILE A 70 25.94 14.52 -14.33
N ASP A 71 26.18 15.70 -13.75
CA ASP A 71 27.13 16.69 -14.27
C ASP A 71 27.91 17.28 -13.09
N ALA A 72 28.77 18.28 -13.39
CA ALA A 72 29.67 18.82 -12.36
C ALA A 72 28.94 19.43 -11.16
N GLY A 73 27.66 19.78 -11.30
CA GLY A 73 26.90 20.32 -10.19
C GLY A 73 26.09 19.34 -9.37
N THR A 74 25.96 18.09 -9.81
CA THR A 74 25.22 17.06 -9.07
C THR A 74 25.81 16.85 -7.67
N SER A 75 24.95 16.80 -6.65
CA SER A 75 25.41 16.58 -5.28
C SER A 75 25.99 15.17 -5.14
N SER A 76 26.89 15.02 -4.15
CA SER A 76 27.47 13.71 -3.86
C SER A 76 26.38 12.68 -3.53
N VAL A 77 25.37 13.10 -2.76
CA VAL A 77 24.22 12.24 -2.44
C VAL A 77 23.52 11.78 -3.71
N ASP A 78 23.15 12.72 -4.60
CA ASP A 78 22.39 12.36 -5.78
C ASP A 78 23.18 11.44 -6.71
N ARG A 79 24.50 11.65 -6.81
CA ARG A 79 25.27 10.77 -7.68
C ARG A 79 25.15 9.32 -7.22
N ARG A 80 25.23 9.08 -5.91
CA ARG A 80 25.08 7.73 -5.39
C ARG A 80 23.66 7.21 -5.60
N LEU A 81 22.65 8.05 -5.35
CA LEU A 81 21.25 7.60 -5.43
C LEU A 81 20.82 7.30 -6.86
N ILE A 82 21.32 8.09 -7.81
CA ILE A 82 21.02 7.85 -9.22
C ILE A 82 21.56 6.49 -9.63
N LEU A 83 22.80 6.17 -9.24
CA LEU A 83 23.36 4.86 -9.58
C LEU A 83 22.61 3.74 -8.87
N VAL A 84 22.18 3.95 -7.63
CA VAL A 84 21.39 2.91 -6.95
C VAL A 84 20.13 2.61 -7.77
N PHE A 85 19.39 3.64 -8.15
CA PHE A 85 18.16 3.34 -8.89
C PHE A 85 18.46 2.71 -10.25
N ALA A 86 19.50 3.17 -10.94
CA ALA A 86 19.80 2.63 -12.25
C ALA A 86 20.11 1.14 -12.19
N VAL A 87 20.90 0.70 -11.18
CA VAL A 87 21.17 -0.72 -11.04
C VAL A 87 19.91 -1.50 -10.70
N GLU A 88 19.07 -0.96 -9.81
CA GLU A 88 17.76 -1.57 -9.55
C GLU A 88 16.91 -1.65 -10.83
N ALA A 89 16.88 -0.55 -11.59
CA ALA A 89 16.11 -0.52 -12.83
C ALA A 89 16.57 -1.60 -13.81
N ILE A 90 17.88 -1.86 -13.87
CA ILE A 90 18.36 -2.92 -14.75
C ILE A 90 17.66 -4.24 -14.41
N THR A 91 17.63 -4.60 -13.12
CA THR A 91 16.99 -5.86 -12.77
C THR A 91 15.47 -5.79 -12.94
N LEU A 92 14.86 -4.66 -12.61
CA LEU A 92 13.40 -4.53 -12.76
C LEU A 92 12.97 -4.69 -14.21
N VAL A 93 13.64 -3.96 -15.11
CA VAL A 93 13.30 -3.98 -16.53
C VAL A 93 13.62 -5.35 -17.12
N HIS A 94 14.75 -5.95 -16.72
CA HIS A 94 15.04 -7.30 -17.19
C HIS A 94 13.94 -8.28 -16.79
N SER A 95 13.49 -8.19 -15.54
CA SER A 95 12.46 -9.10 -15.06
C SER A 95 11.19 -8.97 -15.89
N ARG A 96 10.77 -7.73 -16.19
CA ARG A 96 9.56 -7.56 -16.98
C ARG A 96 9.75 -8.08 -18.40
N LEU A 97 10.94 -7.85 -18.98
CA LEU A 97 11.17 -8.28 -20.36
C LEU A 97 11.15 -9.79 -20.48
N GLU A 98 11.63 -10.52 -19.46
CA GLU A 98 11.54 -11.98 -19.49
C GLU A 98 10.08 -12.44 -19.53
N ALA A 99 9.21 -11.77 -18.77
CA ALA A 99 7.80 -12.11 -18.80
C ALA A 99 7.18 -11.70 -20.14
N ILE A 100 7.53 -10.51 -20.63
CA ILE A 100 6.99 -10.04 -21.92
C ILE A 100 7.47 -10.95 -23.05
N TYR A 101 8.75 -11.32 -23.05
CA TYR A 101 9.27 -12.15 -24.14
C TYR A 101 8.61 -13.52 -24.13
N ALA A 102 8.37 -14.08 -22.94
CA ALA A 102 7.68 -15.37 -22.87
C ALA A 102 6.28 -15.28 -23.43
N GLU A 103 5.53 -14.24 -23.04
CA GLU A 103 4.15 -14.09 -23.51
C GLU A 103 4.09 -13.90 -25.03
N LEU A 104 5.01 -13.11 -25.60
CA LEU A 104 5.01 -12.85 -27.04
C LEU A 104 5.76 -13.90 -27.85
N ASP A 105 6.29 -14.95 -27.20
CA ASP A 105 7.00 -16.04 -27.87
C ASP A 105 8.27 -15.55 -28.60
N LEU A 106 9.00 -14.64 -27.96
CA LEU A 106 10.25 -14.14 -28.50
C LEU A 106 11.43 -14.93 -27.92
N ALA A 107 12.51 -15.03 -28.69
CA ALA A 107 13.72 -15.70 -28.22
C ALA A 107 14.35 -14.91 -27.10
N ASP A 108 14.82 -15.62 -26.07
CA ASP A 108 15.26 -14.99 -24.83
C ASP A 108 16.73 -15.20 -24.55
N GLY A 109 17.50 -15.70 -25.51
CA GLY A 109 18.93 -15.91 -25.31
C GLY A 109 19.65 -14.67 -24.81
N THR A 110 19.36 -13.51 -25.42
CA THR A 110 20.06 -12.27 -25.05
C THR A 110 19.71 -11.84 -23.63
N LEU A 111 18.47 -12.07 -23.21
CA LEU A 111 18.08 -11.80 -21.83
C LEU A 111 18.89 -12.64 -20.85
N HIS A 112 19.11 -13.91 -21.18
CA HIS A 112 19.96 -14.73 -20.33
C HIS A 112 21.39 -14.18 -20.28
N ALA A 113 21.89 -13.68 -21.41
CA ALA A 113 23.25 -13.13 -21.43
C ALA A 113 23.38 -11.94 -20.48
N ILE A 114 22.40 -11.05 -20.49
CA ILE A 114 22.45 -9.86 -19.64
C ILE A 114 22.42 -10.24 -18.16
N ALA A 115 21.58 -11.22 -17.80
CA ALA A 115 21.49 -11.63 -16.41
C ALA A 115 22.77 -12.27 -15.92
N ALA A 116 23.49 -12.98 -16.78
CA ALA A 116 24.76 -13.60 -16.42
C ALA A 116 25.95 -12.68 -16.62
N ASP A 117 25.72 -11.42 -17.00
CA ASP A 117 26.82 -10.48 -17.25
C ASP A 117 27.59 -10.24 -15.97
N GLN A 118 28.93 -10.35 -16.05
CA GLN A 118 29.73 -10.16 -14.85
C GLN A 118 29.73 -8.72 -14.39
N LYS A 119 29.50 -7.76 -15.30
CA LYS A 119 29.40 -6.36 -14.90
C LYS A 119 28.17 -6.11 -14.04
N LEU A 120 27.05 -6.76 -14.36
CA LEU A 120 25.85 -6.62 -13.53
C LEU A 120 26.07 -7.18 -12.13
N ARG A 121 26.67 -8.37 -12.04
CA ARG A 121 27.00 -8.93 -10.74
C ARG A 121 27.94 -8.00 -9.96
N ALA A 122 28.94 -7.41 -10.63
CA ALA A 122 29.83 -6.48 -9.93
C ALA A 122 29.09 -5.23 -9.46
N LEU A 123 28.10 -4.76 -10.23
CA LEU A 123 27.33 -3.60 -9.78
C LEU A 123 26.47 -3.93 -8.56
N ARG A 124 25.83 -5.10 -8.53
CA ARG A 124 25.11 -5.52 -7.33
C ARG A 124 26.01 -5.50 -6.11
N ARG A 125 27.21 -6.05 -6.26
CA ARG A 125 28.15 -6.16 -5.15
C ARG A 125 28.79 -4.82 -4.78
N SER A 126 28.72 -3.81 -5.64
CA SER A 126 29.34 -2.54 -5.30
C SER A 126 28.32 -1.43 -5.06
N VAL A 127 27.35 -1.26 -5.96
CA VAL A 127 26.40 -0.18 -5.80
C VAL A 127 25.27 -0.59 -4.85
N LEU A 128 24.83 -1.84 -4.92
CA LEU A 128 23.74 -2.29 -4.07
C LEU A 128 24.23 -3.10 -2.87
N SER A 129 25.53 -3.04 -2.56
CA SER A 129 26.00 -3.76 -1.39
C SER A 129 25.38 -3.16 -0.12
N SER A 130 25.33 -3.97 0.93
CA SER A 130 24.80 -3.46 2.20
C SER A 130 25.65 -2.30 2.74
N THR A 131 26.98 -2.34 2.56
CA THR A 131 27.76 -1.21 3.08
C THR A 131 27.55 0.04 2.23
N ALA A 132 27.40 -0.11 0.91
CA ALA A 132 27.20 1.07 0.06
C ALA A 132 25.83 1.71 0.32
N LEU A 133 24.80 0.89 0.50
CA LEU A 133 23.48 1.43 0.82
C LEU A 133 23.51 2.12 2.17
N HIS A 134 24.20 1.53 3.15
CA HIS A 134 24.28 2.13 4.47
C HIS A 134 25.05 3.44 4.42
N ASP A 135 26.16 3.49 3.68
CA ASP A 135 26.90 4.74 3.54
C ASP A 135 26.05 5.83 2.89
N SER A 136 25.25 5.48 1.87
CA SER A 136 24.38 6.48 1.25
C SER A 136 23.35 7.00 2.25
N ALA A 137 22.80 6.12 3.11
CA ALA A 137 21.84 6.58 4.11
C ALA A 137 22.49 7.53 5.12
N ARG A 138 23.69 7.21 5.58
CA ARG A 138 24.37 8.13 6.48
C ARG A 138 24.65 9.47 5.80
N LEU A 139 25.04 9.45 4.54
CA LEU A 139 25.25 10.71 3.82
C LEU A 139 23.96 11.53 3.72
N MET A 140 22.81 10.85 3.54
CA MET A 140 21.55 11.59 3.46
C MET A 140 21.24 12.29 4.78
N VAL A 141 21.53 11.64 5.90
CA VAL A 141 21.26 12.25 7.19
C VAL A 141 22.21 13.42 7.45
N GLU A 142 23.39 13.39 6.85
CA GLU A 142 24.34 14.47 7.06
C GLU A 142 23.97 15.70 6.25
N ARG A 143 23.47 15.51 5.03
CA ARG A 143 23.17 16.60 4.11
C ARG A 143 21.85 16.32 3.40
N PRO A 144 20.74 16.38 4.13
CA PRO A 144 19.45 16.08 3.49
C PRO A 144 19.08 17.11 2.44
N GLU A 145 19.57 18.33 2.54
CA GLU A 145 19.29 19.34 1.53
C GLU A 145 19.92 19.03 0.18
N GLN A 146 20.82 18.06 0.09
CA GLN A 146 21.41 17.63 -1.18
C GLN A 146 20.60 16.54 -1.89
N ILE A 147 19.58 15.98 -1.25
CA ILE A 147 18.78 14.92 -1.88
C ILE A 147 17.87 15.53 -2.94
N GLY A 148 17.94 15.00 -4.15
CA GLY A 148 17.11 15.48 -5.25
C GLY A 148 17.34 16.92 -5.66
N GLN A 149 18.58 17.40 -5.60
CA GLN A 149 18.90 18.77 -6.00
C GLN A 149 19.01 18.85 -7.52
N VAL A 150 17.85 18.85 -8.18
CA VAL A 150 17.81 18.93 -9.63
C VAL A 150 18.34 20.30 -10.06
N ALA A 151 18.80 20.36 -11.31
CA ALA A 151 19.33 21.59 -11.87
C ALA A 151 18.23 22.61 -12.04
N MET A 152 18.35 23.75 -11.36
CA MET A 152 17.50 24.92 -11.61
C MET A 152 18.40 26.14 -11.65
N GLY A 153 17.99 27.12 -12.44
CA GLY A 153 18.56 28.43 -12.28
C GLY A 153 18.34 28.96 -10.89
N ASP A 154 19.00 30.08 -10.62
CA ASP A 154 18.85 30.72 -9.32
C ASP A 154 17.44 31.23 -9.10
N GLU A 155 16.76 31.65 -10.17
CA GLU A 155 15.40 32.18 -10.02
C GLU A 155 14.47 31.11 -9.53
N LEU A 156 14.38 29.98 -10.26
CA LEU A 156 13.55 28.87 -9.81
C LEU A 156 13.95 28.42 -8.42
N SER A 157 15.26 28.40 -8.14
CA SER A 157 15.75 27.96 -6.84
C SER A 157 15.25 28.87 -5.72
N MET A 158 15.14 30.18 -5.99
CA MET A 158 14.62 31.09 -4.98
C MET A 158 13.09 31.04 -4.89
N ILE A 159 12.39 30.75 -5.98
CA ILE A 159 10.96 30.51 -5.88
C ILE A 159 10.71 29.30 -4.98
N GLU A 160 11.50 28.24 -5.17
CA GLU A 160 11.42 27.06 -4.31
C GLU A 160 11.63 27.42 -2.84
N ASP A 161 12.67 28.20 -2.54
CA ASP A 161 12.95 28.57 -1.17
C ASP A 161 11.80 29.33 -0.53
N GLN A 162 11.23 30.30 -1.25
CA GLN A 162 10.11 31.08 -0.73
C GLN A 162 8.92 30.19 -0.43
N PHE A 163 8.58 29.30 -1.36
CA PHE A 163 7.40 28.47 -1.16
C PHE A 163 7.63 27.37 -0.13
N ARG A 164 8.87 26.89 0.02
CA ARG A 164 9.14 25.94 1.10
C ARG A 164 8.99 26.61 2.45
N ARG A 165 9.45 27.86 2.56
CA ARG A 165 9.29 28.60 3.81
C ARG A 165 7.81 28.81 4.12
N PHE A 166 7.03 29.23 3.12
CA PHE A 166 5.60 29.44 3.31
C PHE A 166 4.89 28.14 3.68
N ALA A 167 5.22 27.05 2.97
CA ALA A 167 4.58 25.77 3.23
C ALA A 167 4.85 25.30 4.66
N ALA A 168 6.09 25.52 5.13
CA ALA A 168 6.48 25.12 6.47
C ALA A 168 5.84 26.01 7.52
N ASP A 169 5.77 27.33 7.25
CA ASP A 169 5.31 28.28 8.26
C ASP A 169 3.78 28.31 8.35
N THR A 170 3.09 28.23 7.22
CA THR A 170 1.66 28.49 7.14
C THR A 170 0.83 27.25 6.83
N VAL A 171 1.26 26.39 5.90
CA VAL A 171 0.46 25.25 5.49
C VAL A 171 0.62 24.08 6.46
N ALA A 172 1.87 23.70 6.74
CA ALA A 172 2.12 22.52 7.58
C ALA A 172 1.44 22.57 8.93
N PRO A 173 1.32 23.72 9.62
CA PRO A 173 0.64 23.70 10.94
C PRO A 173 -0.85 23.39 10.86
N LEU A 174 -1.46 23.54 9.68
CA LEU A 174 -2.88 23.31 9.49
C LEU A 174 -3.20 21.93 8.91
N ALA A 175 -2.19 21.21 8.40
CA ALA A 175 -2.45 20.02 7.59
C ALA A 175 -3.18 18.92 8.36
N GLU A 176 -2.78 18.68 9.61
CA GLU A 176 -3.38 17.59 10.36
C GLU A 176 -4.82 17.88 10.73
N HIS A 177 -5.11 19.11 11.17
CA HIS A 177 -6.47 19.44 11.60
C HIS A 177 -7.44 19.41 10.41
N ILE A 178 -6.98 19.83 9.22
CA ILE A 178 -7.84 19.81 8.04
C ILE A 178 -8.21 18.38 7.68
N HIS A 179 -7.23 17.47 7.72
CA HIS A 179 -7.51 16.08 7.42
C HIS A 179 -8.41 15.42 8.46
N ARG A 180 -8.03 15.48 9.74
CA ARG A 180 -8.76 14.74 10.76
C ARG A 180 -10.18 15.27 10.97
N GLU A 181 -10.41 16.55 10.72
CA GLU A 181 -11.75 17.11 10.86
C GLU A 181 -12.46 17.30 9.51
N ASP A 182 -11.82 16.90 8.41
CA ASP A 182 -12.37 17.04 7.05
C ASP A 182 -12.92 18.45 6.81
N LEU A 183 -12.08 19.43 7.12
CA LEU A 183 -12.46 20.83 6.97
C LEU A 183 -12.21 21.31 5.55
N ILE A 184 -13.11 22.18 5.07
CA ILE A 184 -12.85 22.94 3.86
C ILE A 184 -11.63 23.85 4.08
N ILE A 185 -10.83 24.05 3.03
CA ILE A 185 -9.68 24.96 3.06
C ILE A 185 -10.09 26.30 3.64
N PRO A 186 -9.46 26.76 4.74
CA PRO A 186 -9.83 28.06 5.31
C PRO A 186 -9.63 29.20 4.31
N ASP A 187 -10.53 30.19 4.41
CA ASP A 187 -10.41 31.38 3.57
C ASP A 187 -9.06 32.07 3.77
N SER A 188 -8.55 32.07 5.00
CA SER A 188 -7.24 32.69 5.25
C SER A 188 -6.15 32.03 4.43
N LEU A 189 -6.17 30.70 4.31
CA LEU A 189 -5.15 30.02 3.51
C LEU A 189 -5.39 30.25 2.03
N LEU A 190 -6.65 30.28 1.58
CA LEU A 190 -6.93 30.59 0.18
C LEU A 190 -6.44 31.99 -0.18
N ALA A 191 -6.69 32.97 0.69
CA ALA A 191 -6.26 34.34 0.42
C ALA A 191 -4.74 34.43 0.33
N ALA A 192 -4.03 33.72 1.22
CA ALA A 192 -2.57 33.74 1.21
C ALA A 192 -2.01 33.12 -0.05
N LEU A 193 -2.53 31.93 -0.42
CA LEU A 193 -2.12 31.27 -1.65
C LEU A 193 -2.44 32.13 -2.87
N ARG A 194 -3.60 32.81 -2.87
CA ARG A 194 -3.93 33.71 -3.97
C ARG A 194 -2.88 34.80 -4.12
N ASP A 195 -2.50 35.44 -3.00
CA ASP A 195 -1.53 36.52 -3.05
C ASP A 195 -0.11 36.03 -3.31
N MET A 196 0.18 34.75 -3.08
CA MET A 196 1.45 34.18 -3.55
C MET A 196 1.44 33.95 -5.07
N GLY A 197 0.28 34.04 -5.71
CA GLY A 197 0.17 33.80 -7.14
C GLY A 197 -0.11 32.36 -7.53
N VAL A 198 -0.64 31.55 -6.62
CA VAL A 198 -0.77 30.12 -6.83
C VAL A 198 -1.82 29.77 -7.89
N PHE A 199 -2.76 30.67 -8.21
CA PHE A 199 -3.78 30.37 -9.20
C PHE A 199 -3.44 30.86 -10.60
N GLY A 200 -2.30 31.55 -10.79
CA GLY A 200 -1.98 32.13 -12.08
C GLY A 200 -0.69 31.64 -12.73
N LEU A 201 -0.06 30.63 -12.13
CA LEU A 201 1.17 30.07 -12.66
C LEU A 201 0.99 29.48 -14.05
N SER A 202 -0.20 28.99 -14.39
CA SER A 202 -0.45 28.39 -15.69
C SER A 202 -1.00 29.38 -16.72
N ILE A 203 -1.17 30.65 -16.36
CA ILE A 203 -1.97 31.59 -17.16
C ILE A 203 -1.04 32.67 -17.70
N PRO A 204 -1.07 32.94 -19.00
CA PRO A 204 -0.14 33.93 -19.59
C PRO A 204 -0.28 35.31 -18.98
N GLU A 205 0.84 36.05 -18.98
CA GLU A 205 0.84 37.41 -18.44
C GLU A 205 -0.21 38.29 -19.13
N ARG A 206 -0.44 38.09 -20.43
CA ARG A 206 -1.39 38.93 -21.14
C ARG A 206 -2.84 38.66 -20.75
N TYR A 207 -3.09 37.55 -20.06
CA TYR A 207 -4.40 37.25 -19.50
C TYR A 207 -4.40 37.38 -17.99
N GLY A 208 -3.46 38.13 -17.43
CA GLY A 208 -3.43 38.39 -16.01
C GLY A 208 -2.77 37.34 -15.14
N GLY A 209 -2.10 36.36 -15.72
CA GLY A 209 -1.32 35.40 -14.97
C GLY A 209 0.13 35.80 -14.84
N SER A 210 0.97 34.82 -14.51
CA SER A 210 2.40 35.04 -14.35
C SER A 210 3.24 34.21 -15.32
N ALA A 211 2.62 33.39 -16.17
CA ALA A 211 3.46 32.69 -17.13
C ALA A 211 3.84 33.63 -18.28
N PRO A 212 5.09 33.61 -18.75
CA PRO A 212 5.47 34.50 -19.85
C PRO A 212 4.74 34.16 -21.14
N ASP A 213 4.42 35.21 -21.91
CA ASP A 213 3.49 35.06 -23.03
C ASP A 213 4.03 34.22 -24.17
N ASP A 214 5.34 34.18 -24.37
CA ASP A 214 5.82 33.62 -25.62
C ASP A 214 6.11 32.12 -25.54
N GLN A 215 5.86 31.48 -24.40
CA GLN A 215 6.44 30.17 -24.14
C GLN A 215 5.52 29.34 -23.22
N GLU A 216 5.94 28.12 -22.94
CA GLU A 216 5.17 27.19 -22.12
C GLU A 216 6.07 26.37 -21.19
N ASP A 217 6.86 27.03 -20.36
CA ASP A 217 7.69 26.27 -19.40
C ASP A 217 6.87 25.93 -18.15
N PRO A 218 6.63 24.63 -17.87
CA PRO A 218 5.90 24.23 -16.66
C PRO A 218 6.76 24.11 -15.41
N LEU A 219 8.07 24.35 -15.48
CA LEU A 219 8.94 24.07 -14.34
C LEU A 219 8.58 24.94 -13.14
N THR A 220 8.12 26.18 -13.36
CA THR A 220 7.71 27.00 -12.24
C THR A 220 6.49 26.40 -11.54
N MET A 221 5.51 25.98 -12.33
CA MET A 221 4.34 25.33 -11.76
C MET A 221 4.74 24.06 -11.01
N ILE A 222 5.69 23.31 -11.56
CA ILE A 222 6.09 22.06 -10.92
C ILE A 222 6.74 22.33 -9.56
N VAL A 223 7.66 23.30 -9.51
CA VAL A 223 8.43 23.57 -8.25
C VAL A 223 7.50 24.07 -7.15
N VAL A 224 6.56 24.95 -7.48
CA VAL A 224 5.63 25.42 -6.47
C VAL A 224 4.72 24.28 -6.00
N THR A 225 4.25 23.48 -6.96
CA THR A 225 3.44 22.31 -6.63
C THR A 225 4.15 21.40 -5.64
N GLU A 226 5.42 21.10 -5.91
CA GLU A 226 6.17 20.20 -5.03
C GLU A 226 6.28 20.75 -3.61
N ALA A 227 6.71 22.01 -3.49
CA ALA A 227 6.88 22.63 -2.18
C ALA A 227 5.58 22.64 -1.38
N LEU A 228 4.48 23.00 -2.01
CA LEU A 228 3.19 23.04 -1.34
C LEU A 228 2.69 21.64 -1.01
N SER A 229 2.86 20.69 -1.94
CA SER A 229 2.36 19.33 -1.71
C SER A 229 3.10 18.63 -0.57
N GLN A 230 4.38 18.96 -0.35
CA GLN A 230 5.10 18.39 0.79
C GLN A 230 4.39 18.71 2.09
N ALA A 231 3.82 19.91 2.21
CA ALA A 231 3.14 20.26 3.45
C ALA A 231 1.72 19.70 3.48
N SER A 232 0.98 19.80 2.38
CA SER A 232 -0.38 19.25 2.31
C SER A 232 -0.75 19.00 0.85
N LEU A 233 -0.92 17.73 0.48
CA LEU A 233 -1.31 17.42 -0.89
C LEU A 233 -2.62 18.10 -1.28
N ALA A 234 -3.68 17.87 -0.50
CA ALA A 234 -5.01 18.34 -0.88
C ALA A 234 -5.26 19.81 -0.52
N ALA A 235 -4.70 20.30 0.59
CA ALA A 235 -5.02 21.66 1.03
C ALA A 235 -4.10 22.73 0.47
N ALA A 236 -3.05 22.35 -0.27
CA ALA A 236 -2.17 23.37 -0.84
C ALA A 236 -1.70 22.99 -2.23
N GLY A 237 -1.01 21.84 -2.37
CA GLY A 237 -0.49 21.44 -3.67
C GLY A 237 -1.57 21.28 -4.74
N SER A 238 -2.76 20.81 -4.36
CA SER A 238 -3.82 20.54 -5.34
C SER A 238 -4.65 21.76 -5.68
N LEU A 239 -4.40 22.91 -5.04
CA LEU A 239 -5.08 24.12 -5.48
C LEU A 239 -4.60 24.57 -6.87
N ILE A 240 -3.43 24.10 -7.29
CA ILE A 240 -2.90 24.46 -8.61
C ILE A 240 -3.58 23.67 -9.72
N THR A 241 -4.11 22.48 -9.40
CA THR A 241 -4.50 21.51 -10.42
C THR A 241 -5.71 21.98 -11.25
N ARG A 242 -6.74 22.52 -10.60
CA ARG A 242 -7.94 22.90 -11.36
C ARG A 242 -7.66 24.05 -12.33
N PRO A 243 -7.07 25.18 -11.92
CA PRO A 243 -6.69 26.20 -12.92
C PRO A 243 -5.77 25.69 -14.02
N GLU A 244 -4.85 24.77 -13.71
CA GLU A 244 -4.00 24.19 -14.76
C GLU A 244 -4.84 23.52 -15.83
N ILE A 245 -5.77 22.67 -15.42
CA ILE A 245 -6.60 21.96 -16.38
C ILE A 245 -7.47 22.93 -17.18
N LEU A 246 -8.13 23.87 -16.49
CA LEU A 246 -9.09 24.73 -17.18
C LEU A 246 -8.40 25.85 -17.97
N SER A 247 -7.26 26.34 -17.51
CA SER A 247 -6.55 27.30 -18.35
C SER A 247 -6.11 26.66 -19.65
N ARG A 248 -5.61 25.41 -19.59
CA ARG A 248 -5.19 24.73 -20.81
C ARG A 248 -6.36 24.48 -21.74
N ALA A 249 -7.54 24.14 -21.20
CA ALA A 249 -8.72 23.99 -22.05
C ALA A 249 -9.13 25.31 -22.69
N LEU A 250 -9.08 26.40 -21.93
CA LEU A 250 -9.44 27.70 -22.49
C LEU A 250 -8.41 28.15 -23.52
N LEU A 251 -7.12 27.90 -23.27
CA LEU A 251 -6.11 28.26 -24.27
C LEU A 251 -6.24 27.38 -25.52
N SER A 252 -6.58 26.11 -25.34
CA SER A 252 -6.79 25.21 -26.48
C SER A 252 -8.02 25.60 -27.29
N GLY A 253 -9.11 25.98 -26.63
CA GLY A 253 -10.34 26.13 -27.35
C GLY A 253 -11.19 27.36 -27.11
N GLY A 254 -10.82 28.23 -26.19
CA GLY A 254 -11.61 29.42 -25.96
C GLY A 254 -11.41 30.49 -27.03
N THR A 255 -12.43 31.31 -27.21
CA THR A 255 -12.29 32.51 -28.03
C THR A 255 -11.52 33.57 -27.26
N GLU A 256 -11.03 34.59 -27.99
CA GLU A 256 -10.26 35.65 -27.36
C GLU A 256 -11.02 36.31 -26.22
N SER A 257 -12.34 36.50 -26.38
CA SER A 257 -13.11 37.17 -25.35
C SER A 257 -13.33 36.26 -24.15
N GLN A 258 -13.44 34.96 -24.38
CA GLN A 258 -13.53 34.03 -23.25
C GLN A 258 -12.21 33.93 -22.51
N LYS A 259 -11.10 33.88 -23.26
CA LYS A 259 -9.79 33.85 -22.61
C LYS A 259 -9.55 35.14 -21.81
N GLN A 260 -10.00 36.27 -22.35
CA GLN A 260 -9.82 37.54 -21.65
C GLN A 260 -10.68 37.62 -20.41
N HIS A 261 -11.96 37.24 -20.52
CA HIS A 261 -12.86 37.31 -19.38
C HIS A 261 -12.49 36.31 -18.30
N TRP A 262 -12.22 35.06 -18.68
CA TRP A 262 -12.12 34.00 -17.68
C TRP A 262 -10.71 33.86 -17.09
N LEU A 263 -9.68 33.86 -17.94
CA LEU A 263 -8.34 33.59 -17.43
C LEU A 263 -7.89 34.66 -16.44
N ALA A 264 -8.21 35.92 -16.70
CA ALA A 264 -7.89 36.97 -15.74
C ALA A 264 -8.56 36.71 -14.40
N ARG A 265 -9.80 36.22 -14.41
CA ARG A 265 -10.53 36.02 -13.18
C ARG A 265 -10.04 34.78 -12.43
N LEU A 266 -9.74 33.71 -13.17
CA LEU A 266 -9.23 32.51 -12.54
C LEU A 266 -7.87 32.75 -11.89
N ALA A 267 -7.06 33.64 -12.47
CA ALA A 267 -5.72 33.89 -11.95
C ALA A 267 -5.76 34.47 -10.54
N VAL A 268 -6.83 35.17 -10.17
CA VAL A 268 -6.94 35.72 -8.83
C VAL A 268 -8.00 34.98 -8.00
N GLY A 269 -8.35 33.75 -8.38
CA GLY A 269 -9.26 32.95 -7.57
C GLY A 269 -10.65 33.54 -7.40
N ASP A 270 -11.10 34.30 -8.40
CA ASP A 270 -12.44 34.96 -8.35
C ASP A 270 -13.07 34.94 -9.75
N PRO A 271 -13.59 33.80 -10.21
CA PRO A 271 -13.93 32.70 -9.30
C PRO A 271 -12.95 31.53 -9.16
N LEU A 272 -13.10 30.73 -8.10
CA LEU A 272 -12.34 29.48 -7.98
C LEU A 272 -13.03 28.49 -8.93
N CYS A 273 -12.33 27.49 -9.43
CA CYS A 273 -12.87 26.61 -10.45
C CYS A 273 -12.76 25.15 -10.03
N ALA A 274 -13.55 24.31 -10.68
CA ALA A 274 -13.56 22.87 -10.43
C ALA A 274 -13.79 22.16 -11.74
N ILE A 275 -13.33 20.92 -11.81
CA ILE A 275 -13.33 20.13 -13.04
C ILE A 275 -14.41 19.06 -12.89
N ALA A 276 -15.41 19.10 -13.78
CA ALA A 276 -16.57 18.21 -13.74
C ALA A 276 -16.58 17.35 -15.00
N ILE A 277 -15.74 16.32 -15.01
CA ILE A 277 -15.65 15.39 -16.14
C ILE A 277 -16.35 14.09 -15.76
N THR A 278 -15.89 13.48 -14.68
CA THR A 278 -16.29 12.12 -14.31
C THR A 278 -17.78 12.04 -13.95
N GLU A 279 -18.41 10.92 -14.34
CA GLU A 279 -19.81 10.61 -14.05
C GLU A 279 -19.90 9.28 -13.33
N PRO A 280 -21.03 8.99 -12.66
CA PRO A 280 -21.16 7.68 -12.00
C PRO A 280 -20.77 6.49 -12.87
N ASP A 281 -21.13 6.49 -14.15
CA ASP A 281 -20.93 5.34 -15.03
C ASP A 281 -19.67 5.44 -15.91
N TYR A 282 -18.93 6.54 -15.85
CA TYR A 282 -17.81 6.78 -16.78
C TYR A 282 -16.77 7.61 -16.07
N GLY A 283 -15.54 7.09 -15.98
CA GLY A 283 -14.42 7.88 -15.50
C GLY A 283 -13.26 7.76 -16.46
N SER A 284 -12.68 6.56 -16.57
CA SER A 284 -11.63 6.35 -17.59
C SER A 284 -12.15 6.65 -18.99
N ASP A 285 -13.40 6.26 -19.28
CA ASP A 285 -13.98 6.35 -20.64
C ASP A 285 -14.65 7.70 -20.83
N VAL A 286 -13.81 8.73 -21.06
CA VAL A 286 -14.36 10.08 -21.23
C VAL A 286 -15.22 10.18 -22.49
N ALA A 287 -14.87 9.46 -23.55
CA ALA A 287 -15.64 9.54 -24.79
C ALA A 287 -17.07 9.08 -24.61
N GLY A 288 -17.36 8.31 -23.57
CA GLY A 288 -18.69 7.77 -23.37
C GLY A 288 -19.59 8.56 -22.45
N LEU A 289 -19.12 9.69 -21.91
CA LEU A 289 -19.89 10.47 -20.95
C LEU A 289 -21.26 10.84 -21.53
N THR A 290 -22.27 10.87 -20.67
CA THR A 290 -23.65 11.02 -21.14
C THR A 290 -24.42 12.21 -20.57
N LEU A 291 -23.83 13.02 -19.68
CA LEU A 291 -24.58 14.16 -19.16
C LEU A 291 -25.14 14.99 -20.31
N ARG A 292 -26.47 15.17 -20.32
CA ARG A 292 -27.18 15.60 -21.51
C ARG A 292 -27.34 17.12 -21.54
N GLY A 293 -26.92 17.72 -22.66
CA GLY A 293 -27.18 19.12 -22.92
C GLY A 293 -28.19 19.26 -24.06
N THR A 294 -29.24 20.03 -23.80
CA THR A 294 -30.31 20.19 -24.76
C THR A 294 -30.49 21.67 -25.07
N PRO A 295 -30.46 22.06 -26.34
CA PRO A 295 -30.48 23.48 -26.69
C PRO A 295 -31.84 24.12 -26.41
N CYS A 296 -31.80 25.26 -25.73
CA CYS A 296 -32.94 26.16 -25.62
C CYS A 296 -32.51 27.53 -26.11
N GLU A 297 -33.44 28.48 -26.14
CA GLU A 297 -33.15 29.79 -26.72
C GLU A 297 -32.09 30.49 -25.88
N GLY A 298 -30.96 30.79 -26.49
CA GLY A 298 -29.88 31.48 -25.81
C GLY A 298 -28.92 30.62 -25.03
N GLY A 299 -29.00 29.29 -25.15
CA GLY A 299 -28.09 28.45 -24.37
C GLY A 299 -28.53 27.00 -24.34
N TRP A 300 -28.25 26.35 -23.20
CA TRP A 300 -28.41 24.92 -23.02
C TRP A 300 -29.02 24.65 -21.65
N ARG A 301 -29.76 23.56 -21.55
CA ARG A 301 -30.18 23.04 -20.27
C ARG A 301 -29.53 21.68 -20.08
N LEU A 302 -28.94 21.48 -18.90
CA LEU A 302 -28.18 20.27 -18.59
C LEU A 302 -28.98 19.38 -17.66
N ASN A 303 -28.92 18.07 -17.90
CA ASN A 303 -29.61 17.10 -17.06
C ASN A 303 -28.74 15.86 -16.92
N GLY A 304 -28.55 15.43 -15.68
CA GLY A 304 -27.84 14.22 -15.35
C GLY A 304 -26.92 14.47 -14.16
N ALA A 305 -26.01 13.53 -13.95
CA ALA A 305 -25.15 13.54 -12.78
C ALA A 305 -23.68 13.69 -13.19
N LYS A 306 -22.90 14.30 -12.30
CA LYS A 306 -21.45 14.19 -12.28
C LYS A 306 -21.04 13.68 -10.90
N THR A 307 -19.84 13.14 -10.79
CA THR A 307 -19.39 12.66 -9.49
C THR A 307 -17.88 12.83 -9.37
N TRP A 308 -17.40 12.76 -8.13
CA TRP A 308 -16.01 13.03 -7.78
C TRP A 308 -15.58 14.43 -8.19
N CYS A 309 -16.49 15.40 -8.23
CA CYS A 309 -16.10 16.75 -8.64
C CYS A 309 -15.46 17.47 -7.46
N THR A 310 -14.14 17.62 -7.49
CA THR A 310 -13.42 18.10 -6.32
C THR A 310 -13.50 19.62 -6.26
N PHE A 311 -13.81 20.15 -5.06
CA PHE A 311 -13.95 21.59 -4.82
C PHE A 311 -15.22 22.15 -5.44
N ALA A 312 -16.21 21.31 -5.79
CA ALA A 312 -17.41 21.81 -6.46
C ALA A 312 -18.22 22.78 -5.61
N GLY A 313 -18.25 22.56 -4.29
CA GLY A 313 -18.98 23.49 -3.43
C GLY A 313 -18.41 24.89 -3.48
N LYS A 314 -17.10 25.02 -3.24
CA LYS A 314 -16.50 26.33 -3.11
C LYS A 314 -16.34 27.01 -4.48
N ALA A 315 -16.24 26.24 -5.55
CA ALA A 315 -15.96 26.78 -6.87
C ALA A 315 -17.11 27.62 -7.39
N GLY A 316 -16.78 28.77 -7.99
CA GLY A 316 -17.74 29.60 -8.66
C GLY A 316 -18.01 29.23 -10.10
N VAL A 317 -17.20 28.33 -10.67
CA VAL A 317 -17.42 27.87 -12.03
C VAL A 317 -16.96 26.43 -12.12
N LEU A 318 -17.68 25.64 -12.93
CA LEU A 318 -17.39 24.23 -13.16
C LEU A 318 -17.08 24.05 -14.64
N MET A 319 -16.08 23.24 -14.96
CA MET A 319 -15.81 22.89 -16.35
C MET A 319 -16.50 21.57 -16.64
N VAL A 320 -17.67 21.63 -17.29
CA VAL A 320 -18.55 20.48 -17.41
C VAL A 320 -18.44 19.89 -18.81
N VAL A 321 -17.99 18.64 -18.91
CA VAL A 321 -18.05 17.91 -20.18
C VAL A 321 -19.49 17.50 -20.40
N THR A 322 -20.08 17.99 -21.50
CA THR A 322 -21.51 17.86 -21.75
C THR A 322 -21.73 17.25 -23.13
N ARG A 323 -22.61 16.25 -23.20
CA ARG A 323 -22.99 15.67 -24.50
C ARG A 323 -24.06 16.58 -25.10
N THR A 324 -23.65 17.42 -26.04
CA THR A 324 -24.53 18.39 -26.67
C THR A 324 -25.23 17.84 -27.90
N ASN A 325 -24.82 16.69 -28.42
CA ASN A 325 -25.44 16.09 -29.59
C ASN A 325 -26.09 14.77 -29.17
N PRO A 326 -27.39 14.57 -29.43
CA PRO A 326 -28.06 13.35 -28.96
C PRO A 326 -27.64 12.10 -29.70
N ASP A 327 -27.01 12.22 -30.87
CA ASP A 327 -26.59 11.06 -31.63
C ASP A 327 -25.39 10.42 -30.95
N LYS A 328 -25.61 9.28 -30.28
CA LYS A 328 -24.52 8.62 -29.58
C LYS A 328 -23.52 7.96 -30.52
N SER A 329 -23.85 7.82 -31.80
CA SER A 329 -22.94 7.25 -32.78
C SER A 329 -21.68 8.10 -32.99
N LEU A 330 -21.66 9.33 -32.47
CA LEU A 330 -20.50 10.22 -32.65
C LEU A 330 -19.39 9.95 -31.65
N GLY A 331 -19.68 9.25 -30.56
CA GLY A 331 -18.65 9.02 -29.56
C GLY A 331 -18.22 10.32 -28.92
N HIS A 332 -16.90 10.55 -28.86
CA HIS A 332 -16.41 11.79 -28.28
C HIS A 332 -16.79 13.01 -29.10
N ARG A 333 -17.14 12.84 -30.38
CA ARG A 333 -17.49 13.96 -31.24
C ARG A 333 -18.80 14.64 -30.85
N GLY A 334 -19.54 14.10 -29.90
CA GLY A 334 -20.75 14.73 -29.42
C GLY A 334 -20.59 15.52 -28.14
N LEU A 335 -19.34 15.77 -27.71
CA LEU A 335 -19.06 16.39 -26.41
C LEU A 335 -18.61 17.84 -26.60
N SER A 336 -18.99 18.69 -25.64
CA SER A 336 -18.58 20.09 -25.60
C SER A 336 -18.24 20.43 -24.17
N LEU A 337 -17.41 21.46 -23.99
CA LEU A 337 -17.06 21.95 -22.66
C LEU A 337 -17.91 23.16 -22.31
N LEU A 338 -18.63 23.09 -21.19
CA LEU A 338 -19.55 24.15 -20.79
C LEU A 338 -19.17 24.66 -19.41
N LEU A 339 -19.21 25.98 -19.23
CA LEU A 339 -18.80 26.62 -17.97
C LEU A 339 -20.06 26.93 -17.18
N ALA A 340 -20.34 26.09 -16.18
CA ALA A 340 -21.51 26.26 -15.33
C ALA A 340 -21.15 27.16 -14.17
N GLU A 341 -21.89 28.24 -13.98
CA GLU A 341 -21.61 29.16 -12.90
C GLU A 341 -22.56 28.91 -11.73
N LYS A 342 -22.07 29.15 -10.53
CA LYS A 342 -22.83 28.86 -9.33
C LYS A 342 -22.33 29.76 -8.22
N PRO A 343 -23.15 29.97 -7.18
CA PRO A 343 -22.62 30.59 -5.95
C PRO A 343 -21.58 29.69 -5.31
N SER A 344 -20.84 30.29 -4.38
CA SER A 344 -19.79 29.61 -3.65
C SER A 344 -20.31 29.18 -2.28
N TYR A 345 -20.08 27.92 -1.91
CA TYR A 345 -20.58 27.32 -0.67
C TYR A 345 -19.41 26.71 0.11
N ASP A 346 -19.46 26.78 1.45
CA ASP A 346 -18.36 26.29 2.27
C ASP A 346 -18.60 24.91 2.88
N GLY A 347 -19.77 24.30 2.69
CA GLY A 347 -20.15 23.10 3.41
C GLY A 347 -19.94 21.82 2.62
N HIS A 348 -20.47 20.73 3.17
CA HIS A 348 -20.41 19.41 2.55
C HIS A 348 -21.62 19.11 1.66
N GLU A 349 -22.59 20.01 1.59
CA GLU A 349 -23.65 19.87 0.62
C GLU A 349 -24.16 21.26 0.27
N PHE A 350 -24.84 21.35 -0.87
CA PHE A 350 -25.45 22.60 -1.27
C PHE A 350 -26.60 22.32 -2.22
N ASP A 351 -27.50 23.28 -2.34
CA ASP A 351 -28.70 23.15 -3.14
C ASP A 351 -28.92 24.51 -3.79
N PHE A 352 -28.49 24.65 -5.04
CA PHE A 352 -28.53 25.90 -5.78
C PHE A 352 -29.71 25.89 -6.73
N ARG A 353 -30.66 26.80 -6.52
CA ARG A 353 -31.82 26.93 -7.39
C ARG A 353 -31.62 28.14 -8.28
N GLN A 354 -31.61 27.91 -9.60
CA GLN A 354 -31.40 28.93 -10.63
C GLN A 354 -32.66 29.74 -10.85
N PRO A 355 -32.57 30.89 -11.58
CA PRO A 355 -33.77 31.71 -11.81
C PRO A 355 -34.82 31.03 -12.67
N GLY A 356 -34.44 30.52 -13.83
CA GLY A 356 -35.38 29.91 -14.74
C GLY A 356 -35.95 28.58 -14.27
N GLY A 357 -35.66 28.19 -13.03
CA GLY A 357 -36.16 26.96 -12.47
C GLY A 357 -35.16 25.83 -12.41
N GLY A 358 -33.97 25.99 -12.99
CA GLY A 358 -32.98 24.94 -12.93
C GLY A 358 -32.39 24.77 -11.55
N SER A 359 -31.74 23.63 -11.34
CA SER A 359 -31.12 23.37 -10.04
C SER A 359 -29.82 22.59 -10.23
N LEU A 360 -28.92 22.81 -9.28
CA LEU A 360 -27.71 22.01 -9.13
C LEU A 360 -27.57 21.69 -7.66
N THR A 361 -27.52 20.41 -7.31
CA THR A 361 -27.33 20.00 -5.93
C THR A 361 -26.00 19.26 -5.83
N GLY A 362 -25.41 19.29 -4.65
CA GLY A 362 -24.14 18.62 -4.44
C GLY A 362 -24.03 18.00 -3.07
N ARG A 363 -23.40 16.82 -2.98
CA ARG A 363 -23.15 16.17 -1.69
C ARG A 363 -21.74 15.57 -1.70
N ALA A 364 -20.94 15.95 -0.72
CA ALA A 364 -19.57 15.47 -0.62
C ALA A 364 -19.51 13.97 -0.35
N ILE A 365 -18.46 13.33 -0.85
CA ILE A 365 -18.19 11.90 -0.76
C ILE A 365 -17.05 11.71 0.23
N PRO A 366 -17.27 11.09 1.39
CA PRO A 366 -16.15 10.89 2.35
C PRO A 366 -15.08 9.95 1.80
N THR A 367 -13.82 10.33 1.98
CA THR A 367 -12.69 9.62 1.42
C THR A 367 -11.70 9.30 2.54
N ILE A 368 -10.81 8.34 2.28
CA ILE A 368 -9.82 7.99 3.30
C ILE A 368 -8.72 9.03 3.41
N GLY A 369 -8.55 9.86 2.40
CA GLY A 369 -7.50 10.85 2.41
C GLY A 369 -7.85 11.91 1.39
N TYR A 370 -6.83 12.70 1.02
CA TYR A 370 -7.00 13.77 0.01
C TYR A 370 -8.08 14.76 0.43
N ARG A 371 -8.06 15.19 1.69
CA ARG A 371 -9.20 15.92 2.23
C ARG A 371 -8.94 17.41 2.28
N GLY A 372 -10.00 18.20 2.07
CA GLY A 372 -9.86 19.63 2.21
C GLY A 372 -10.60 20.44 1.18
N MET A 373 -10.71 19.93 -0.04
CA MET A 373 -11.59 20.55 -1.02
C MET A 373 -12.97 19.91 -1.08
N HIS A 374 -13.10 18.65 -0.65
CA HIS A 374 -14.27 17.78 -0.81
C HIS A 374 -14.45 17.40 -2.28
N SER A 375 -15.02 16.21 -2.53
CA SER A 375 -15.38 15.76 -3.87
C SER A 375 -16.85 15.39 -3.86
N PHE A 376 -17.59 15.94 -4.82
CA PHE A 376 -19.05 15.86 -4.71
C PHE A 376 -19.82 15.11 -5.78
N ASP A 377 -20.93 14.50 -5.34
CA ASP A 377 -21.88 13.93 -6.31
C ASP A 377 -22.72 15.14 -6.70
N LEU A 378 -22.91 15.37 -8.00
CA LEU A 378 -23.66 16.56 -8.47
C LEU A 378 -24.89 16.12 -9.27
N SER A 379 -26.00 16.83 -9.09
CA SER A 379 -27.19 16.55 -9.87
C SER A 379 -27.64 17.82 -10.57
N PHE A 380 -27.62 17.78 -11.89
CA PHE A 380 -28.10 18.87 -12.74
C PHE A 380 -29.54 18.57 -13.15
N GLU A 381 -30.44 19.52 -12.90
CA GLU A 381 -31.84 19.41 -13.34
C GLU A 381 -32.22 20.68 -14.07
N ASP A 382 -32.41 20.57 -15.40
CA ASP A 382 -32.65 21.69 -16.30
C ASP A 382 -31.77 22.90 -15.97
N PHE A 383 -30.49 22.63 -15.71
CA PHE A 383 -29.53 23.67 -15.37
C PHE A 383 -29.12 24.43 -16.62
N PHE A 384 -29.33 25.75 -16.64
CA PHE A 384 -29.06 26.57 -17.81
C PHE A 384 -27.60 27.01 -17.90
N VAL A 385 -27.06 26.91 -19.10
CA VAL A 385 -25.73 27.42 -19.44
C VAL A 385 -25.87 28.23 -20.72
N PRO A 386 -25.58 29.53 -20.70
CA PRO A 386 -25.73 30.33 -21.93
C PRO A 386 -24.71 29.96 -23.01
N ASP A 387 -25.06 30.33 -24.26
CA ASP A 387 -24.19 30.07 -25.42
C ASP A 387 -22.78 30.60 -25.20
N GLY A 388 -22.66 31.73 -24.52
CA GLY A 388 -21.35 32.35 -24.35
C GLY A 388 -20.41 31.50 -23.52
N ASN A 389 -20.95 30.64 -22.66
CA ASN A 389 -20.19 29.80 -21.74
C ASN A 389 -19.83 28.43 -22.32
N VAL A 390 -20.14 28.18 -23.59
CA VAL A 390 -19.60 27.04 -24.33
C VAL A 390 -18.18 27.42 -24.75
N ILE A 391 -17.17 26.67 -24.26
CA ILE A 391 -15.79 27.01 -24.61
C ILE A 391 -15.63 26.87 -26.12
N GLY A 392 -15.20 27.96 -26.76
CA GLY A 392 -15.12 28.01 -28.20
C GLY A 392 -16.38 28.50 -28.89
N GLU A 393 -17.43 28.76 -28.12
CA GLU A 393 -18.75 29.11 -28.64
C GLU A 393 -19.21 28.11 -29.69
N ALA A 394 -19.78 28.60 -30.79
CA ALA A 394 -20.38 27.70 -31.77
C ALA A 394 -19.37 26.70 -32.31
N GLN A 395 -18.14 27.14 -32.60
CA GLN A 395 -17.10 26.23 -33.08
C GLN A 395 -16.58 25.27 -32.00
N GLY A 396 -16.92 25.49 -30.73
CA GLY A 396 -16.54 24.52 -29.73
C GLY A 396 -17.46 23.32 -29.62
N LEU A 397 -18.63 23.37 -30.27
CA LEU A 397 -19.59 22.28 -30.15
C LEU A 397 -19.06 21.03 -30.82
N GLY A 398 -19.04 19.92 -30.09
CA GLY A 398 -18.50 18.68 -30.59
C GLY A 398 -16.99 18.55 -30.48
N LYS A 399 -16.29 19.55 -29.95
CA LYS A 399 -14.84 19.46 -29.79
C LYS A 399 -14.41 19.48 -28.34
N GLY A 400 -15.31 19.20 -27.40
CA GLY A 400 -14.94 19.24 -26.00
C GLY A 400 -13.91 18.20 -25.61
N PHE A 401 -13.89 17.07 -26.32
CA PHE A 401 -12.94 16.01 -26.00
C PHE A 401 -11.49 16.47 -26.25
N TYR A 402 -11.25 17.17 -27.37
CA TYR A 402 -9.89 17.61 -27.70
C TYR A 402 -9.35 18.58 -26.65
N HIS A 403 -10.19 19.54 -26.23
CA HIS A 403 -9.77 20.53 -25.24
C HIS A 403 -9.65 19.95 -23.84
N THR A 404 -10.46 18.94 -23.50
CA THR A 404 -10.29 18.21 -22.24
C THR A 404 -8.94 17.49 -22.21
N MET A 405 -8.61 16.80 -23.31
CA MET A 405 -7.36 16.04 -23.36
C MET A 405 -6.16 16.97 -23.22
N ALA A 406 -6.18 18.12 -23.90
CA ALA A 406 -5.14 19.12 -23.74
C ALA A 406 -4.95 19.49 -22.27
N GLY A 407 -6.05 19.69 -21.54
CA GLY A 407 -5.93 19.99 -20.12
C GLY A 407 -5.32 18.85 -19.34
N MET A 408 -5.67 17.60 -19.72
CA MET A 408 -5.18 16.44 -18.96
C MET A 408 -3.66 16.32 -19.01
N THR A 409 -3.04 16.67 -20.14
CA THR A 409 -1.58 16.62 -20.22
C THR A 409 -0.96 17.49 -19.13
N GLY A 410 -1.42 18.73 -19.04
CA GLY A 410 -0.94 19.62 -17.98
C GLY A 410 -1.26 19.11 -16.59
N GLY A 411 -2.48 18.57 -16.40
CA GLY A 411 -2.83 18.04 -15.09
C GLY A 411 -1.92 16.91 -14.65
N ARG A 412 -1.60 16.00 -15.57
CA ARG A 412 -0.77 14.87 -15.20
C ARG A 412 0.66 15.31 -14.91
N MET A 413 1.17 16.26 -15.67
CA MET A 413 2.48 16.84 -15.36
C MET A 413 2.48 17.41 -13.95
N GLN A 414 1.44 18.19 -13.61
CA GLN A 414 1.34 18.78 -12.28
C GLN A 414 1.18 17.70 -11.22
N THR A 415 0.49 16.61 -11.55
CA THR A 415 0.28 15.55 -10.58
C THR A 415 1.56 14.80 -10.30
N ALA A 416 2.48 14.75 -11.28
CA ALA A 416 3.83 14.24 -11.00
C ALA A 416 4.52 15.10 -9.95
N GLY A 417 4.36 16.43 -10.06
CA GLY A 417 4.88 17.31 -9.02
C GLY A 417 4.24 17.04 -7.68
N ARG A 418 2.91 16.81 -7.66
CA ARG A 418 2.24 16.53 -6.40
C ARG A 418 2.81 15.27 -5.75
N ALA A 419 2.97 14.20 -6.53
CA ALA A 419 3.54 12.97 -6.02
C ALA A 419 4.96 13.18 -5.48
N SER A 420 5.74 14.00 -6.18
CA SER A 420 7.12 14.30 -5.78
C SER A 420 7.17 14.95 -4.40
N GLY A 421 6.32 15.96 -4.17
CA GLY A 421 6.30 16.59 -2.87
C GLY A 421 5.89 15.65 -1.75
N VAL A 422 4.87 14.81 -1.98
CA VAL A 422 4.46 13.83 -0.97
C VAL A 422 5.61 12.87 -0.67
N MET A 423 6.32 12.42 -1.71
CA MET A 423 7.48 11.54 -1.50
C MET A 423 8.56 12.20 -0.67
N ARG A 424 8.85 13.48 -0.94
CA ARG A 424 9.90 14.15 -0.16
C ARG A 424 9.49 14.27 1.30
N ALA A 425 8.22 14.56 1.57
CA ALA A 425 7.75 14.64 2.95
C ALA A 425 7.93 13.29 3.65
N ALA A 426 7.49 12.21 2.99
CA ALA A 426 7.61 10.89 3.61
C ALA A 426 9.07 10.49 3.80
N LEU A 427 9.93 10.84 2.84
CA LEU A 427 11.33 10.45 2.94
C LEU A 427 12.01 11.17 4.09
N LEU A 428 11.81 12.49 4.19
CA LEU A 428 12.47 13.25 5.25
C LEU A 428 12.00 12.79 6.62
N ALA A 429 10.70 12.46 6.75
CA ALA A 429 10.19 11.98 8.03
C ALA A 429 10.81 10.65 8.41
N GLY A 430 10.97 9.74 7.44
CA GLY A 430 11.60 8.46 7.74
C GLY A 430 13.07 8.61 8.12
N LEU A 431 13.78 9.50 7.44
CA LEU A 431 15.18 9.75 7.77
C LEU A 431 15.32 10.28 9.19
N ARG A 432 14.47 11.24 9.55
CA ARG A 432 14.47 11.82 10.89
C ARG A 432 14.15 10.78 11.95
N TYR A 433 13.08 9.99 11.74
CA TYR A 433 12.71 9.00 12.74
C TYR A 433 13.78 7.93 12.93
N ALA A 434 14.37 7.44 11.83
CA ALA A 434 15.46 6.46 11.93
C ALA A 434 16.65 7.00 12.74
N THR A 435 16.88 8.30 12.71
CA THR A 435 17.97 8.91 13.46
C THR A 435 17.67 8.99 14.95
N GLU A 436 16.41 9.23 15.30
CA GLU A 436 16.01 9.49 16.68
C GLU A 436 15.57 8.23 17.43
N ARG A 437 14.98 7.25 16.76
CA ARG A 437 14.44 6.07 17.44
C ARG A 437 15.54 5.05 17.73
N LYS A 438 15.61 4.54 18.96
CA LYS A 438 16.59 3.52 19.30
C LYS A 438 15.91 2.16 19.44
N VAL A 439 16.53 1.13 18.84
CA VAL A 439 16.09 -0.25 19.02
C VAL A 439 17.31 -1.11 19.32
N PHE A 440 17.14 -2.05 20.27
CA PHE A 440 18.18 -3.01 20.63
C PHE A 440 19.53 -2.33 20.85
N GLY A 441 19.48 -1.14 21.48
CA GLY A 441 20.69 -0.45 21.92
C GLY A 441 21.23 0.64 21.01
N SER A 442 20.70 0.82 19.80
CA SER A 442 21.32 1.76 18.87
C SER A 442 20.23 2.45 18.05
N PRO A 443 20.53 3.63 17.51
CA PRO A 443 19.59 4.28 16.57
C PRO A 443 19.25 3.35 15.42
N LEU A 444 17.98 3.38 15.02
CA LEU A 444 17.50 2.53 13.93
C LEU A 444 18.35 2.70 12.67
N LEU A 445 18.75 3.95 12.39
CA LEU A 445 19.62 4.27 11.26
C LEU A 445 20.88 3.41 11.22
N ASP A 446 21.37 2.97 12.37
CA ASP A 446 22.65 2.26 12.41
C ASP A 446 22.55 0.82 11.96
N TYR A 447 21.36 0.33 11.69
CA TYR A 447 21.17 -1.05 11.25
C TYR A 447 21.18 -1.11 9.73
N PRO A 448 21.90 -2.08 9.17
CA PRO A 448 22.01 -2.16 7.69
C PRO A 448 20.67 -2.30 6.98
N LEU A 449 19.70 -3.04 7.54
CA LEU A 449 18.41 -3.14 6.85
C LEU A 449 17.75 -1.77 6.75
N THR A 450 17.83 -0.98 7.81
CA THR A 450 17.27 0.38 7.75
C THR A 450 17.97 1.22 6.68
N GLY A 451 19.30 1.17 6.62
CA GLY A 451 20.01 1.92 5.61
C GLY A 451 19.57 1.55 4.20
N ALA A 452 19.39 0.25 3.94
CA ALA A 452 18.97 -0.19 2.62
C ALA A 452 17.58 0.33 2.26
N LYS A 453 16.63 0.27 3.19
CA LYS A 453 15.28 0.76 2.89
C LYS A 453 15.28 2.26 2.60
N LEU A 454 15.99 3.03 3.45
CA LEU A 454 16.03 4.48 3.27
C LEU A 454 16.70 4.86 1.95
N THR A 455 17.82 4.20 1.60
CA THR A 455 18.48 4.53 0.34
C THR A 455 17.63 4.13 -0.87
N LYS A 456 16.95 2.98 -0.80
CA LYS A 456 16.09 2.61 -1.92
C LYS A 456 14.91 3.57 -2.04
N MET A 457 14.32 3.99 -0.91
CA MET A 457 13.27 5.01 -0.95
C MET A 457 13.75 6.28 -1.64
N ALA A 458 14.90 6.78 -1.22
CA ALA A 458 15.43 8.02 -1.76
C ALA A 458 15.78 7.88 -3.23
N ALA A 459 16.36 6.74 -3.62
CA ALA A 459 16.73 6.53 -5.02
C ALA A 459 15.52 6.62 -5.93
N ARG A 460 14.40 6.04 -5.48
CA ARG A 460 13.16 6.12 -6.24
C ARG A 460 12.62 7.55 -6.28
N TYR A 461 12.57 8.22 -5.12
CA TYR A 461 12.21 9.65 -5.08
C TYR A 461 13.07 10.47 -6.05
N VAL A 462 14.39 10.28 -6.01
CA VAL A 462 15.29 11.10 -6.81
C VAL A 462 15.10 10.79 -8.31
N ALA A 463 15.03 9.52 -8.67
CA ALA A 463 14.83 9.17 -10.07
C ALA A 463 13.49 9.71 -10.59
N SER A 464 12.46 9.63 -9.75
CA SER A 464 11.20 10.25 -10.12
C SER A 464 11.34 11.76 -10.33
N ARG A 465 12.13 12.43 -9.50
CA ARG A 465 12.21 13.89 -9.62
C ARG A 465 13.00 14.31 -10.84
N TYR A 466 14.12 13.63 -11.14
CA TYR A 466 14.87 13.97 -12.35
C TYR A 466 14.05 13.68 -13.61
N LEU A 467 13.32 12.56 -13.63
CA LEU A 467 12.41 12.31 -14.75
C LEU A 467 11.34 13.39 -14.85
N THR A 468 10.76 13.81 -13.72
CA THR A 468 9.74 14.86 -13.74
C THR A 468 10.28 16.14 -14.36
N TYR A 469 11.49 16.58 -13.95
CA TYR A 469 12.03 17.81 -14.53
C TYR A 469 12.39 17.60 -16.00
N SER A 470 12.78 16.38 -16.38
CA SER A 470 13.10 16.11 -17.77
C SER A 470 11.87 16.25 -18.66
N VAL A 471 10.74 15.67 -18.25
CA VAL A 471 9.52 15.78 -19.04
C VAL A 471 9.04 17.22 -19.09
N GLY A 472 9.19 17.95 -17.97
CA GLY A 472 8.86 19.36 -17.97
C GLY A 472 9.63 20.15 -19.04
N ARG A 473 10.91 19.84 -19.21
CA ARG A 473 11.67 20.50 -20.27
C ARG A 473 11.22 20.06 -21.65
N MET A 474 10.79 18.81 -21.77
CA MET A 474 10.22 18.34 -23.06
C MET A 474 8.95 19.15 -23.38
N LEU A 475 8.05 19.32 -22.40
CA LEU A 475 6.84 20.11 -22.63
C LEU A 475 7.17 21.55 -22.98
N ALA A 476 8.20 22.12 -22.38
CA ALA A 476 8.60 23.49 -22.70
C ALA A 476 8.94 23.63 -24.19
N GLN A 477 9.38 22.54 -24.83
CA GLN A 477 9.75 22.55 -26.23
C GLN A 477 8.67 21.93 -27.13
N GLY A 478 7.42 21.87 -26.66
CA GLY A 478 6.36 21.36 -27.51
C GLY A 478 6.37 19.87 -27.74
N GLU A 479 7.03 19.11 -26.87
CA GLU A 479 7.08 17.65 -26.98
C GLU A 479 6.65 17.01 -25.67
N GLY A 480 6.82 15.71 -25.55
CA GLY A 480 6.52 15.06 -24.28
C GLY A 480 5.07 14.87 -23.92
N ARG A 481 4.15 14.90 -24.90
CA ARG A 481 2.74 14.65 -24.59
C ARG A 481 2.56 13.32 -23.87
N MET A 482 3.01 12.23 -24.50
CA MET A 482 2.92 10.91 -23.87
C MET A 482 3.75 10.87 -22.59
N GLU A 483 4.91 11.53 -22.59
CA GLU A 483 5.79 11.40 -21.43
C GLU A 483 5.21 12.04 -20.17
N ALA A 484 4.30 13.02 -20.30
CA ALA A 484 3.59 13.53 -19.13
C ALA A 484 2.79 12.44 -18.44
N SER A 485 2.18 11.54 -19.21
CA SER A 485 1.44 10.45 -18.61
C SER A 485 2.37 9.38 -18.05
N LEU A 486 3.50 9.16 -18.73
CA LEU A 486 4.49 8.20 -18.26
C LEU A 486 5.05 8.60 -16.89
N VAL A 487 5.45 9.86 -16.73
CA VAL A 487 6.04 10.25 -15.45
C VAL A 487 4.96 10.36 -14.38
N LYS A 488 3.74 10.74 -14.74
CA LYS A 488 2.63 10.66 -13.80
C LYS A 488 2.47 9.23 -13.28
N LEU A 489 2.39 8.26 -14.20
CA LEU A 489 2.30 6.87 -13.80
C LEU A 489 3.47 6.46 -12.90
N PHE A 490 4.69 6.83 -13.28
CA PHE A 490 5.84 6.40 -12.49
C PHE A 490 5.86 7.05 -11.12
N ALA A 491 5.64 8.37 -11.08
CA ALA A 491 5.76 9.08 -9.82
C ALA A 491 4.64 8.71 -8.85
N CYS A 492 3.42 8.52 -9.36
CA CYS A 492 2.29 8.27 -8.47
C CYS A 492 2.38 6.90 -7.83
N ARG A 493 2.76 5.87 -8.58
CA ARG A 493 2.99 4.59 -7.93
C ARG A 493 4.20 4.66 -6.98
N SER A 494 5.26 5.40 -7.38
CA SER A 494 6.42 5.56 -6.49
C SER A 494 6.01 6.19 -5.17
N ALA A 495 5.06 7.13 -5.20
CA ALA A 495 4.59 7.72 -3.95
C ALA A 495 3.94 6.67 -3.05
N GLU A 496 3.20 5.73 -3.63
CA GLU A 496 2.64 4.64 -2.80
C GLU A 496 3.77 3.87 -2.12
N LEU A 497 4.78 3.49 -2.89
CA LEU A 497 5.87 2.66 -2.36
C LEU A 497 6.66 3.40 -1.30
N VAL A 498 6.96 4.68 -1.55
CA VAL A 498 7.78 5.44 -0.61
C VAL A 498 7.02 5.68 0.68
N THR A 499 5.74 6.05 0.59
CA THR A 499 4.95 6.28 1.80
C THR A 499 4.74 4.99 2.59
N ARG A 500 4.48 3.86 1.92
CA ARG A 500 4.36 2.59 2.63
C ARG A 500 5.62 2.29 3.42
N GLU A 501 6.77 2.49 2.78
CA GLU A 501 8.03 2.12 3.40
C GLU A 501 8.38 3.07 4.54
N SER A 502 8.13 4.36 4.36
CA SER A 502 8.35 5.31 5.44
C SER A 502 7.49 4.95 6.65
N LEU A 503 6.21 4.65 6.40
CA LEU A 503 5.34 4.25 7.49
C LEU A 503 5.93 3.06 8.25
N GLN A 504 6.45 2.06 7.52
CA GLN A 504 7.00 0.86 8.14
C GLN A 504 8.17 1.18 9.05
N ILE A 505 9.07 2.08 8.61
CA ILE A 505 10.21 2.49 9.42
C ILE A 505 9.75 3.08 10.75
N HIS A 506 8.59 3.75 10.75
CA HIS A 506 8.03 4.32 11.98
C HIS A 506 7.45 3.28 12.94
N GLY A 507 7.25 2.04 12.49
CA GLY A 507 6.61 1.06 13.37
C GLY A 507 5.16 1.45 13.65
N GLY A 508 4.69 1.14 14.88
CA GLY A 508 3.30 1.47 15.22
C GLY A 508 2.99 2.95 15.07
N MET A 509 3.99 3.79 15.36
CA MET A 509 3.87 5.24 15.19
C MET A 509 3.36 5.62 13.81
N GLY A 510 3.77 4.87 12.78
CA GLY A 510 3.36 5.25 11.42
C GLY A 510 1.87 5.09 11.18
N TYR A 511 1.18 4.37 12.06
CA TYR A 511 -0.25 4.09 11.92
C TYR A 511 -1.14 5.11 12.62
N ALA A 512 -0.54 6.02 13.40
CA ALA A 512 -1.29 7.01 14.18
C ALA A 512 -1.58 8.26 13.36
N GLU A 513 -2.84 8.74 13.43
CA GLU A 513 -3.23 9.96 12.72
C GLU A 513 -2.50 11.20 13.21
N GLU A 514 -1.98 11.16 14.44
CA GLU A 514 -1.15 12.24 14.97
C GLU A 514 0.27 12.23 14.42
N VAL A 515 0.62 11.26 13.58
CA VAL A 515 1.93 11.18 12.94
C VAL A 515 1.74 11.36 11.43
N ALA A 516 2.50 12.31 10.85
CA ALA A 516 2.18 12.80 9.52
C ALA A 516 2.28 11.71 8.46
N VAL A 517 3.19 10.75 8.63
CA VAL A 517 3.37 9.73 7.60
C VAL A 517 2.12 8.85 7.43
N SER A 518 1.27 8.73 8.47
CA SER A 518 0.02 8.00 8.26
C SER A 518 -0.83 8.71 7.21
N ARG A 519 -0.82 10.04 7.23
CA ARG A 519 -1.61 10.82 6.30
C ARG A 519 -1.01 10.82 4.91
N TYR A 520 0.34 10.91 4.81
CA TYR A 520 1.00 10.82 3.49
C TYR A 520 0.67 9.50 2.81
N PHE A 521 0.57 8.43 3.59
CA PHE A 521 0.25 7.11 3.04
C PHE A 521 -1.16 7.04 2.47
N VAL A 522 -2.18 7.47 3.22
CA VAL A 522 -3.55 7.40 2.69
C VAL A 522 -3.76 8.44 1.59
N ASP A 523 -3.08 9.60 1.67
CA ASP A 523 -3.10 10.59 0.58
C ASP A 523 -2.49 10.04 -0.70
N ALA A 524 -1.33 9.40 -0.60
CA ALA A 524 -0.63 8.93 -1.78
C ALA A 524 -1.42 7.86 -2.52
N ARG A 525 -2.26 7.09 -1.81
CA ARG A 525 -2.99 6.03 -2.48
C ARG A 525 -3.89 6.56 -3.61
N VAL A 526 -4.36 7.81 -3.53
CA VAL A 526 -5.28 8.33 -4.56
C VAL A 526 -4.55 8.65 -5.87
N LEU A 527 -3.23 8.82 -5.82
CA LEU A 527 -2.49 9.44 -6.94
C LEU A 527 -2.48 8.55 -8.17
N SER A 528 -2.46 7.23 -7.98
CA SER A 528 -2.49 6.25 -9.05
C SER A 528 -3.90 5.98 -9.56
N ILE A 529 -4.92 6.60 -9.00
CA ILE A 529 -6.30 6.40 -9.41
C ILE A 529 -6.84 7.58 -10.20
N PHE A 530 -6.74 8.78 -9.65
CA PHE A 530 -7.35 9.91 -10.35
C PHE A 530 -6.37 10.43 -11.39
N GLU A 531 -6.82 11.46 -12.15
CA GLU A 531 -6.02 12.07 -13.21
C GLU A 531 -5.56 11.05 -14.25
N GLY A 532 -6.37 10.04 -14.54
CA GLY A 532 -5.88 8.93 -15.33
C GLY A 532 -5.38 7.79 -14.47
N ALA A 533 -6.22 6.77 -14.28
CA ALA A 533 -5.82 5.60 -13.50
C ALA A 533 -4.65 4.91 -14.17
N GLU A 534 -3.81 4.29 -13.35
CA GLU A 534 -2.57 3.67 -13.82
C GLU A 534 -2.80 2.79 -15.05
N GLU A 535 -3.83 1.92 -14.99
CA GLU A 535 -4.08 0.96 -16.08
C GLU A 535 -4.53 1.69 -17.34
N THR A 536 -5.42 2.68 -17.19
CA THR A 536 -5.89 3.46 -18.33
C THR A 536 -4.73 4.17 -19.02
N LEU A 537 -3.84 4.77 -18.24
CA LEU A 537 -2.69 5.45 -18.82
C LEU A 537 -1.75 4.45 -19.49
N ALA A 538 -1.45 3.34 -18.81
CA ALA A 538 -0.52 2.35 -19.36
C ALA A 538 -1.02 1.78 -20.68
N LEU A 539 -2.32 1.50 -20.75
CA LEU A 539 -2.89 0.89 -21.96
C LEU A 539 -3.21 1.90 -23.04
N LYS A 540 -3.94 2.95 -22.70
CA LYS A 540 -4.57 3.77 -23.73
C LYS A 540 -3.85 5.09 -24.02
N VAL A 541 -2.81 5.44 -23.28
CA VAL A 541 -1.98 6.61 -23.61
C VAL A 541 -0.54 6.15 -23.89
N ILE A 542 0.10 5.54 -22.90
CA ILE A 542 1.51 5.15 -23.03
C ILE A 542 1.65 4.00 -24.03
N GLY A 543 0.97 2.89 -23.76
CA GLY A 543 1.09 1.72 -24.62
C GLY A 543 0.65 1.99 -26.04
N ARG A 544 -0.50 2.64 -26.20
CA ARG A 544 -1.00 3.03 -27.52
C ARG A 544 0.01 3.88 -28.29
N SER A 545 0.62 4.88 -27.64
CA SER A 545 1.57 5.74 -28.36
C SER A 545 2.81 4.96 -28.77
N LEU A 546 3.33 4.11 -27.88
CA LEU A 546 4.52 3.32 -28.21
C LEU A 546 4.27 2.47 -29.44
N LEU A 547 3.10 1.80 -29.48
CA LEU A 547 2.79 0.93 -30.61
C LEU A 547 2.51 1.73 -31.88
N GLU A 548 1.84 2.88 -31.77
CA GLU A 548 1.63 3.71 -32.96
C GLU A 548 2.95 4.15 -33.56
N ALA A 549 3.91 4.56 -32.71
CA ALA A 549 5.19 5.04 -33.21
C ALA A 549 6.00 3.92 -33.86
N ALA A 550 5.88 2.70 -33.34
CA ALA A 550 6.59 1.57 -33.96
C ALA A 550 6.02 1.30 -35.35
N LEU A 551 4.70 1.30 -35.48
CA LEU A 551 4.05 1.05 -36.78
C LEU A 551 4.59 2.05 -37.81
N LYS A 552 4.56 3.34 -37.47
CA LYS A 552 4.98 4.39 -38.43
C LYS A 552 6.45 4.17 -38.82
N ALA A 553 7.32 4.00 -37.84
CA ALA A 553 8.77 3.88 -38.13
C ALA A 553 9.04 2.73 -39.11
N GLU A 554 8.19 1.71 -39.11
CA GLU A 554 8.50 0.53 -39.97
C GLU A 554 7.56 0.52 -41.18
N ALA A 555 6.84 1.63 -41.43
CA ALA A 555 5.85 1.67 -42.53
C ALA A 555 6.54 1.72 -43.89
N MET B 1 -7.54 -25.80 -20.20
CA MET B 1 -6.97 -26.62 -19.10
C MET B 1 -5.44 -26.59 -19.14
N LEU B 2 -4.81 -26.64 -17.97
CA LEU B 2 -3.36 -26.53 -17.88
C LEU B 2 -2.69 -27.87 -18.19
N PRO B 3 -1.39 -27.86 -18.54
CA PRO B 3 -0.72 -29.11 -18.91
C PRO B 3 -0.63 -30.09 -17.74
N ILE B 4 -0.65 -31.39 -18.09
CA ILE B 4 -0.64 -32.45 -17.09
C ILE B 4 0.72 -32.55 -16.41
N THR B 5 1.81 -32.27 -17.15
CA THR B 5 3.17 -32.39 -16.65
C THR B 5 3.62 -31.17 -15.84
N ALA B 6 2.74 -30.19 -15.65
CA ALA B 6 3.14 -28.97 -14.98
C ALA B 6 3.51 -29.21 -13.51
N ALA B 7 2.86 -30.16 -12.85
CA ALA B 7 3.06 -30.33 -11.41
C ALA B 7 4.46 -30.87 -11.12
N ASP B 8 4.95 -31.80 -11.95
CA ASP B 8 6.30 -32.32 -11.75
C ASP B 8 7.36 -31.31 -12.13
N ASP B 9 7.15 -30.57 -13.23
CA ASP B 9 8.09 -29.52 -13.62
C ASP B 9 8.25 -28.50 -12.50
N VAL B 10 7.14 -28.02 -11.94
CA VAL B 10 7.18 -27.05 -10.84
C VAL B 10 7.89 -27.64 -9.63
N GLN B 11 7.56 -28.89 -9.28
CA GLN B 11 8.19 -29.52 -8.12
C GLN B 11 9.70 -29.61 -8.29
N GLY B 12 10.15 -29.98 -9.49
CA GLY B 12 11.58 -30.09 -9.72
C GLY B 12 12.29 -28.76 -9.60
N LEU B 13 11.67 -27.69 -10.10
CA LEU B 13 12.27 -26.36 -10.04
C LEU B 13 12.29 -25.82 -8.62
N LEU B 14 11.24 -26.08 -7.85
CA LEU B 14 11.23 -25.67 -6.45
C LEU B 14 12.27 -26.43 -5.63
N LEU B 15 12.50 -27.71 -5.97
CA LEU B 15 13.52 -28.48 -5.26
C LEU B 15 14.93 -27.95 -5.55
N GLN B 16 15.20 -27.53 -6.78
CA GLN B 16 16.47 -26.90 -7.09
C GLN B 16 16.66 -25.62 -6.27
N LEU B 17 15.63 -24.76 -6.27
CA LEU B 17 15.72 -23.51 -5.51
C LEU B 17 15.91 -23.75 -4.02
N ARG B 18 15.27 -24.79 -3.47
CA ARG B 18 15.46 -25.07 -2.05
C ARG B 18 16.91 -25.43 -1.75
N GLY B 19 17.54 -26.21 -2.63
CA GLY B 19 18.95 -26.54 -2.44
C GLY B 19 19.82 -25.30 -2.39
N LEU B 20 19.59 -24.35 -3.29
CA LEU B 20 20.41 -23.13 -3.32
C LEU B 20 20.12 -22.26 -2.11
N LEU B 21 18.87 -22.22 -1.67
CA LEU B 21 18.51 -21.47 -0.49
C LEU B 21 19.14 -22.07 0.77
N GLU B 22 19.17 -23.40 0.86
CA GLU B 22 19.79 -24.04 2.01
C GLU B 22 21.30 -23.83 2.01
N GLN B 23 21.92 -23.83 0.82
CA GLN B 23 23.34 -23.50 0.75
C GLN B 23 23.62 -22.08 1.21
N ALA B 24 22.71 -21.14 0.90
CA ALA B 24 22.95 -19.75 1.27
C ALA B 24 22.78 -19.55 2.77
N ILE B 25 21.85 -20.28 3.38
CA ILE B 25 21.66 -20.24 4.83
C ILE B 25 22.89 -20.79 5.55
N SER B 26 23.47 -21.88 5.03
CA SER B 26 24.73 -22.39 5.58
C SER B 26 25.85 -21.37 5.45
N ALA B 27 25.96 -20.74 4.28
CA ALA B 27 27.01 -19.76 4.06
C ALA B 27 26.86 -18.59 5.02
N LEU B 28 25.64 -18.09 5.16
CA LEU B 28 25.39 -16.98 6.06
C LEU B 28 25.66 -17.38 7.51
N ALA B 29 25.27 -18.59 7.91
CA ALA B 29 25.51 -19.00 9.29
C ALA B 29 26.99 -19.02 9.62
N SER B 30 27.83 -19.48 8.68
CA SER B 30 29.28 -19.40 8.86
C SER B 30 29.72 -17.95 9.00
N ARG B 31 29.18 -17.06 8.17
CA ARG B 31 29.56 -15.64 8.22
C ARG B 31 29.23 -15.02 9.56
N CYS B 32 28.22 -15.54 10.26
CA CYS B 32 27.75 -14.97 11.50
C CYS B 32 28.28 -15.70 12.73
N THR B 33 29.13 -16.71 12.53
CA THR B 33 29.61 -17.55 13.61
C THR B 33 30.94 -17.03 14.15
N LYS B 34 31.01 -16.87 15.46
CA LYS B 34 32.25 -16.64 16.18
C LYS B 34 32.31 -17.69 17.27
N GLY B 35 33.19 -18.68 17.12
CA GLY B 35 33.39 -19.66 18.20
C GLY B 35 32.23 -20.60 18.43
N ARG B 36 31.82 -21.32 17.39
CA ARG B 36 30.75 -22.33 17.55
C ARG B 36 29.38 -21.70 17.80
N GLN B 37 29.28 -20.37 17.88
CA GLN B 37 27.98 -19.75 18.25
C GLN B 37 27.66 -18.51 17.42
N LEU B 38 26.40 -18.31 17.07
CA LEU B 38 25.97 -17.09 16.40
C LEU B 38 26.34 -15.88 17.25
N ASP B 39 26.82 -14.84 16.58
CA ASP B 39 27.32 -13.64 17.25
C ASP B 39 26.41 -12.46 16.94
N ALA B 40 26.00 -11.74 17.99
CA ALA B 40 24.99 -10.70 17.82
C ALA B 40 25.49 -9.60 16.90
N GLU B 41 26.77 -9.26 17.03
CA GLU B 41 27.37 -8.20 16.22
C GLU B 41 27.39 -8.57 14.74
N LEU B 42 27.79 -9.80 14.44
CA LEU B 42 27.83 -10.25 13.05
C LEU B 42 26.42 -10.38 12.48
N LEU B 43 25.46 -10.82 13.29
CA LEU B 43 24.07 -10.86 12.86
C LEU B 43 23.60 -9.47 12.45
N ASP B 44 23.90 -8.46 13.27
CA ASP B 44 23.52 -7.09 12.92
C ASP B 44 24.16 -6.65 11.61
N LEU B 45 25.41 -7.04 11.40
CA LEU B 45 26.11 -6.66 10.17
C LEU B 45 25.46 -7.27 8.93
N MET B 46 24.93 -8.50 9.04
CA MET B 46 24.43 -9.27 7.91
C MET B 46 22.90 -9.24 7.80
N GLN B 47 22.25 -8.20 8.32
CA GLN B 47 20.80 -8.12 8.29
C GLN B 47 20.22 -8.26 6.90
N VAL B 48 20.85 -7.65 5.88
CA VAL B 48 20.21 -7.58 4.56
C VAL B 48 19.99 -8.97 3.95
N PRO B 49 21.00 -9.83 3.81
CA PRO B 49 20.73 -11.18 3.30
C PRO B 49 19.90 -12.03 4.26
N THR B 50 19.94 -11.76 5.56
CA THR B 50 19.04 -12.47 6.47
C THR B 50 17.58 -12.16 6.13
N PHE B 51 17.27 -10.87 5.97
CA PHE B 51 15.91 -10.44 5.62
C PHE B 51 15.46 -11.08 4.31
N GLU B 52 16.33 -11.07 3.30
CA GLU B 52 15.98 -11.62 2.00
C GLU B 52 15.84 -13.12 2.05
N LEU B 53 16.69 -13.81 2.83
CA LEU B 53 16.55 -15.26 2.99
C LEU B 53 15.25 -15.62 3.72
N ALA B 54 14.86 -14.82 4.70
CA ALA B 54 13.59 -15.05 5.40
C ALA B 54 12.40 -14.95 4.45
N TRP B 55 12.37 -13.91 3.60
CA TRP B 55 11.31 -13.75 2.62
C TRP B 55 11.32 -14.88 1.59
N ALA B 56 12.50 -15.24 1.08
CA ALA B 56 12.58 -16.32 0.11
C ALA B 56 12.08 -17.63 0.69
N SER B 57 12.39 -17.88 1.97
CA SER B 57 11.91 -19.08 2.64
C SER B 57 10.40 -19.09 2.75
N ALA B 58 9.79 -17.91 3.01
CA ALA B 58 8.33 -17.88 3.17
C ALA B 58 7.63 -18.14 1.83
N GLU B 59 8.13 -17.54 0.75
CA GLU B 59 7.54 -17.77 -0.56
C GLU B 59 7.73 -19.22 -0.99
N LEU B 60 8.93 -19.76 -0.78
CA LEU B 60 9.19 -21.17 -1.06
C LEU B 60 8.22 -22.08 -0.32
N LEU B 61 8.09 -21.90 0.99
CA LEU B 61 7.27 -22.82 1.78
C LEU B 61 5.79 -22.71 1.41
N ALA B 62 5.32 -21.47 1.14
CA ALA B 62 3.94 -21.29 0.70
C ALA B 62 3.67 -22.09 -0.57
N ALA B 63 4.58 -22.01 -1.55
CA ALA B 63 4.43 -22.77 -2.78
C ALA B 63 4.49 -24.28 -2.52
N GLU B 64 5.47 -24.73 -1.73
CA GLU B 64 5.62 -26.16 -1.48
C GLU B 64 4.40 -26.73 -0.74
N ARG B 65 3.95 -26.05 0.32
CA ARG B 65 2.86 -26.61 1.12
C ARG B 65 1.54 -26.60 0.37
N SER B 66 1.35 -25.63 -0.53
CA SER B 66 0.15 -25.61 -1.35
C SER B 66 0.14 -26.78 -2.33
N LEU B 67 1.27 -26.97 -3.02
CA LEU B 67 1.39 -28.06 -3.97
C LEU B 67 1.20 -29.40 -3.30
N GLN B 68 1.81 -29.58 -2.12
CA GLN B 68 1.71 -30.84 -1.40
C GLN B 68 0.29 -31.19 -1.01
N ALA B 69 -0.60 -30.20 -0.94
CA ALA B 69 -1.98 -30.41 -0.52
C ALA B 69 -2.91 -30.85 -1.64
N ILE B 70 -2.49 -30.79 -2.90
CA ILE B 70 -3.39 -31.15 -4.00
C ILE B 70 -3.68 -32.65 -3.94
N ASP B 71 -4.95 -33.00 -3.77
CA ASP B 71 -5.36 -34.40 -3.83
C ASP B 71 -6.68 -34.48 -4.60
N ALA B 72 -7.37 -35.62 -4.45
CA ALA B 72 -8.56 -35.89 -5.26
C ALA B 72 -9.68 -34.90 -4.97
N GLY B 73 -9.80 -34.43 -3.72
CA GLY B 73 -10.86 -33.49 -3.37
C GLY B 73 -10.58 -32.03 -3.68
N THR B 74 -9.37 -31.70 -4.15
CA THR B 74 -9.03 -30.30 -4.39
C THR B 74 -9.86 -29.73 -5.52
N SER B 75 -10.48 -28.57 -5.29
CA SER B 75 -11.36 -27.95 -6.27
C SER B 75 -10.61 -27.64 -7.56
N SER B 76 -11.38 -27.52 -8.65
CA SER B 76 -10.80 -27.19 -9.94
C SER B 76 -10.18 -25.80 -9.95
N VAL B 77 -10.77 -24.87 -9.19
CA VAL B 77 -10.18 -23.54 -9.04
C VAL B 77 -8.80 -23.64 -8.40
N ASP B 78 -8.71 -24.36 -7.26
CA ASP B 78 -7.49 -24.34 -6.47
C ASP B 78 -6.34 -25.03 -7.20
N ARG B 79 -6.62 -26.08 -7.96
CA ARG B 79 -5.56 -26.76 -8.74
C ARG B 79 -4.92 -25.75 -9.69
N ARG B 80 -5.73 -24.87 -10.29
CA ARG B 80 -5.18 -23.82 -11.14
C ARG B 80 -4.44 -22.78 -10.32
N LEU B 81 -5.09 -22.23 -9.28
CA LEU B 81 -4.52 -21.13 -8.54
C LEU B 81 -3.22 -21.53 -7.84
N ILE B 82 -3.14 -22.77 -7.38
CA ILE B 82 -1.92 -23.25 -6.72
C ILE B 82 -0.76 -23.34 -7.71
N LEU B 83 -1.03 -23.80 -8.94
CA LEU B 83 0.02 -23.77 -9.95
C LEU B 83 0.40 -22.34 -10.30
N VAL B 84 -0.57 -21.43 -10.38
CA VAL B 84 -0.21 -20.04 -10.67
C VAL B 84 0.79 -19.53 -9.65
N PHE B 85 0.47 -19.65 -8.36
CA PHE B 85 1.38 -19.11 -7.36
C PHE B 85 2.72 -19.82 -7.39
N ALA B 86 2.71 -21.14 -7.61
CA ALA B 86 3.97 -21.88 -7.59
C ALA B 86 4.92 -21.42 -8.69
N VAL B 87 4.39 -21.13 -9.88
CA VAL B 87 5.24 -20.65 -10.96
C VAL B 87 5.74 -19.24 -10.66
N GLU B 88 4.87 -18.38 -10.12
CA GLU B 88 5.30 -17.05 -9.68
C GLU B 88 6.41 -17.15 -8.63
N ALA B 89 6.26 -18.09 -7.68
CA ALA B 89 7.22 -18.21 -6.60
C ALA B 89 8.59 -18.66 -7.10
N ILE B 90 8.62 -19.51 -8.13
CA ILE B 90 9.90 -19.89 -8.72
C ILE B 90 10.67 -18.65 -9.13
N THR B 91 9.99 -17.69 -9.77
CA THR B 91 10.68 -16.48 -10.23
C THR B 91 10.93 -15.50 -9.10
N LEU B 92 10.01 -15.42 -8.13
CA LEU B 92 10.27 -14.59 -6.95
C LEU B 92 11.49 -15.08 -6.17
N VAL B 93 11.51 -16.37 -5.81
CA VAL B 93 12.61 -16.91 -5.02
C VAL B 93 13.93 -16.84 -5.79
N HIS B 94 13.91 -17.18 -7.09
CA HIS B 94 15.11 -17.08 -7.90
C HIS B 94 15.66 -15.66 -7.87
N SER B 95 14.77 -14.68 -8.00
CA SER B 95 15.18 -13.28 -8.00
C SER B 95 15.85 -12.90 -6.67
N ARG B 96 15.24 -13.32 -5.55
CA ARG B 96 15.84 -13.04 -4.24
C ARG B 96 17.19 -13.73 -4.08
N LEU B 97 17.29 -14.98 -4.55
CA LEU B 97 18.56 -15.69 -4.42
C LEU B 97 19.67 -15.02 -5.22
N GLU B 98 19.35 -14.42 -6.37
CA GLU B 98 20.35 -13.66 -7.11
C GLU B 98 20.92 -12.53 -6.25
N ALA B 99 20.06 -11.78 -5.57
CA ALA B 99 20.56 -10.73 -4.69
C ALA B 99 21.36 -11.31 -3.53
N ILE B 100 20.89 -12.42 -2.95
CA ILE B 100 21.57 -13.03 -1.81
C ILE B 100 22.93 -13.58 -2.23
N TYR B 101 22.95 -14.31 -3.35
CA TYR B 101 24.19 -14.92 -3.81
C TYR B 101 25.25 -13.87 -4.15
N ALA B 102 24.83 -12.73 -4.72
CA ALA B 102 25.80 -11.66 -4.98
C ALA B 102 26.30 -11.06 -3.67
N GLU B 103 25.39 -10.82 -2.74
CA GLU B 103 25.76 -10.20 -1.48
C GLU B 103 26.70 -11.10 -0.65
N LEU B 104 26.51 -12.40 -0.68
CA LEU B 104 27.37 -13.35 0.02
C LEU B 104 28.55 -13.80 -0.81
N ASP B 105 28.68 -13.33 -2.04
CA ASP B 105 29.78 -13.68 -2.94
C ASP B 105 29.81 -15.18 -3.28
N LEU B 106 28.65 -15.75 -3.58
CA LEU B 106 28.53 -17.16 -3.90
C LEU B 106 28.48 -17.37 -5.41
N ALA B 107 28.96 -18.53 -5.86
CA ALA B 107 28.90 -18.87 -7.27
C ALA B 107 27.45 -18.98 -7.71
N ASP B 108 27.11 -18.35 -8.83
CA ASP B 108 25.71 -18.24 -9.25
C ASP B 108 25.44 -18.96 -10.57
N GLY B 109 26.32 -19.86 -11.00
CA GLY B 109 26.09 -20.56 -12.26
C GLY B 109 24.81 -21.38 -12.27
N THR B 110 24.45 -21.99 -11.14
CA THR B 110 23.23 -22.78 -11.13
C THR B 110 21.99 -21.89 -11.20
N LEU B 111 22.06 -20.68 -10.65
CA LEU B 111 20.93 -19.77 -10.79
C LEU B 111 20.70 -19.41 -12.26
N HIS B 112 21.79 -19.25 -13.02
CA HIS B 112 21.65 -18.99 -14.46
C HIS B 112 21.06 -20.21 -15.18
N ALA B 113 21.46 -21.41 -14.76
CA ALA B 113 20.87 -22.61 -15.36
C ALA B 113 19.37 -22.67 -15.14
N ILE B 114 18.89 -22.31 -13.94
CA ILE B 114 17.46 -22.36 -13.65
C ILE B 114 16.71 -21.33 -14.47
N ALA B 115 17.26 -20.11 -14.58
CA ALA B 115 16.56 -19.05 -15.30
C ALA B 115 16.44 -19.36 -16.78
N ALA B 116 17.33 -20.20 -17.32
CA ALA B 116 17.33 -20.56 -18.72
C ALA B 116 16.69 -21.91 -18.98
N ASP B 117 16.10 -22.53 -17.95
CA ASP B 117 15.49 -23.84 -18.12
C ASP B 117 14.29 -23.73 -19.05
N GLN B 118 14.22 -24.63 -20.04
CA GLN B 118 13.08 -24.63 -20.94
C GLN B 118 11.79 -25.02 -20.23
N LYS B 119 11.88 -25.80 -19.17
CA LYS B 119 10.68 -26.13 -18.39
C LYS B 119 10.07 -24.88 -17.78
N LEU B 120 10.91 -23.94 -17.34
CA LEU B 120 10.41 -22.71 -16.73
C LEU B 120 9.75 -21.82 -17.77
N ARG B 121 10.36 -21.70 -18.96
CA ARG B 121 9.74 -20.90 -20.02
C ARG B 121 8.39 -21.49 -20.42
N ALA B 122 8.28 -22.81 -20.47
CA ALA B 122 7.03 -23.44 -20.86
C ALA B 122 5.95 -23.26 -19.80
N LEU B 123 6.34 -23.23 -18.53
CA LEU B 123 5.39 -22.94 -17.45
C LEU B 123 4.90 -21.50 -17.55
N ARG B 124 5.79 -20.55 -17.85
CA ARG B 124 5.34 -19.17 -18.04
C ARG B 124 4.29 -19.07 -19.15
N ARG B 125 4.51 -19.79 -20.26
CA ARG B 125 3.64 -19.68 -21.42
C ARG B 125 2.36 -20.49 -21.28
N SER B 126 2.32 -21.47 -20.38
CA SER B 126 1.08 -22.23 -20.19
C SER B 126 0.33 -21.88 -18.92
N VAL B 127 1.01 -21.69 -17.79
CA VAL B 127 0.34 -21.43 -16.52
C VAL B 127 0.12 -19.94 -16.30
N LEU B 128 1.06 -19.09 -16.73
CA LEU B 128 0.96 -17.65 -16.54
C LEU B 128 0.58 -16.91 -17.80
N SER B 129 0.09 -17.60 -18.83
CA SER B 129 -0.30 -16.89 -20.04
C SER B 129 -1.51 -16.01 -19.76
N SER B 130 -1.70 -15.01 -20.62
CA SER B 130 -2.86 -14.14 -20.50
C SER B 130 -4.17 -14.92 -20.55
N THR B 131 -4.26 -15.93 -21.42
CA THR B 131 -5.52 -16.63 -21.54
C THR B 131 -5.78 -17.58 -20.37
N ALA B 132 -4.73 -18.21 -19.85
CA ALA B 132 -4.90 -19.10 -18.71
C ALA B 132 -5.25 -18.33 -17.44
N LEU B 133 -4.67 -17.16 -17.26
CA LEU B 133 -5.06 -16.33 -16.11
C LEU B 133 -6.50 -15.83 -16.28
N HIS B 134 -6.87 -15.44 -17.50
CA HIS B 134 -8.24 -14.99 -17.73
C HIS B 134 -9.24 -16.11 -17.52
N ASP B 135 -8.96 -17.30 -18.05
CA ASP B 135 -9.79 -18.47 -17.79
C ASP B 135 -10.01 -18.69 -16.30
N SER B 136 -8.94 -18.59 -15.50
CA SER B 136 -9.07 -18.83 -14.06
C SER B 136 -9.96 -17.78 -13.42
N ALA B 137 -9.86 -16.53 -13.86
CA ALA B 137 -10.73 -15.46 -13.37
C ALA B 137 -12.20 -15.82 -13.59
N ARG B 138 -12.58 -16.20 -14.81
CA ARG B 138 -14.00 -16.51 -15.07
C ARG B 138 -14.46 -17.71 -14.28
N LEU B 139 -13.57 -18.69 -14.07
CA LEU B 139 -13.95 -19.87 -13.29
C LEU B 139 -14.21 -19.51 -11.83
N MET B 140 -13.46 -18.55 -11.31
CA MET B 140 -13.68 -18.08 -9.93
C MET B 140 -15.03 -17.40 -9.78
N VAL B 141 -15.49 -16.69 -10.83
CA VAL B 141 -16.79 -16.04 -10.77
C VAL B 141 -17.91 -17.08 -10.79
N GLU B 142 -17.73 -18.15 -11.58
CA GLU B 142 -18.75 -19.20 -11.63
C GLU B 142 -18.83 -20.00 -10.34
N ARG B 143 -17.68 -20.20 -9.67
CA ARG B 143 -17.55 -21.08 -8.51
C ARG B 143 -16.80 -20.40 -7.36
N PRO B 144 -17.35 -19.31 -6.82
CA PRO B 144 -16.59 -18.57 -5.80
C PRO B 144 -16.28 -19.41 -4.57
N GLU B 145 -17.14 -20.39 -4.24
CA GLU B 145 -16.96 -21.24 -3.08
C GLU B 145 -15.80 -22.21 -3.24
N GLN B 146 -15.32 -22.43 -4.46
CA GLN B 146 -14.16 -23.31 -4.67
C GLN B 146 -12.83 -22.61 -4.38
N ILE B 147 -12.82 -21.29 -4.21
CA ILE B 147 -11.55 -20.56 -4.04
C ILE B 147 -11.01 -20.84 -2.63
N GLY B 148 -9.84 -21.48 -2.57
CA GLY B 148 -9.24 -21.69 -1.26
C GLY B 148 -9.97 -22.65 -0.36
N GLN B 149 -10.51 -23.73 -0.93
CA GLN B 149 -11.30 -24.71 -0.17
C GLN B 149 -10.37 -25.76 0.41
N VAL B 150 -9.71 -25.39 1.50
CA VAL B 150 -8.72 -26.29 2.13
C VAL B 150 -9.43 -27.50 2.73
N ALA B 151 -8.75 -28.63 2.75
CA ALA B 151 -9.31 -29.84 3.39
C ALA B 151 -9.58 -29.47 4.84
N MET B 152 -10.81 -29.65 5.29
CA MET B 152 -11.13 -29.17 6.65
C MET B 152 -11.71 -30.27 7.53
N GLY B 153 -12.68 -31.01 7.02
CA GLY B 153 -13.40 -31.94 7.90
C GLY B 153 -14.82 -31.44 8.01
N ASP B 154 -15.78 -32.32 8.25
CA ASP B 154 -17.21 -31.92 8.22
C ASP B 154 -17.52 -31.01 9.39
N GLU B 155 -17.03 -31.35 10.57
CA GLU B 155 -17.32 -30.54 11.74
C GLU B 155 -16.78 -29.12 11.58
N LEU B 156 -15.57 -28.99 11.00
CA LEU B 156 -14.97 -27.66 10.82
C LEU B 156 -15.64 -26.89 9.70
N SER B 157 -15.97 -27.56 8.59
CA SER B 157 -16.72 -26.90 7.53
C SER B 157 -18.06 -26.37 8.04
N MET B 158 -18.71 -27.12 8.93
CA MET B 158 -19.99 -26.69 9.49
C MET B 158 -19.81 -25.47 10.37
N ILE B 159 -18.76 -25.45 11.17
CA ILE B 159 -18.44 -24.30 12.01
C ILE B 159 -18.16 -23.07 11.15
N GLU B 160 -17.40 -23.24 10.07
CA GLU B 160 -17.19 -22.15 9.13
C GLU B 160 -18.51 -21.63 8.55
N ASP B 161 -19.37 -22.54 8.07
CA ASP B 161 -20.65 -22.10 7.50
C ASP B 161 -21.45 -21.27 8.49
N GLN B 162 -21.51 -21.72 9.74
CA GLN B 162 -22.27 -21.02 10.77
C GLN B 162 -21.72 -19.64 11.06
N PHE B 163 -20.39 -19.51 11.18
CA PHE B 163 -19.83 -18.21 11.49
C PHE B 163 -19.87 -17.27 10.29
N ARG B 164 -19.76 -17.81 9.07
CA ARG B 164 -19.92 -16.96 7.89
C ARG B 164 -21.34 -16.40 7.81
N ARG B 165 -22.34 -17.24 8.07
CA ARG B 165 -23.72 -16.74 8.11
C ARG B 165 -23.87 -15.62 9.12
N PHE B 166 -23.40 -15.84 10.35
CA PHE B 166 -23.45 -14.82 11.39
C PHE B 166 -22.68 -13.57 11.01
N ALA B 167 -21.46 -13.75 10.45
CA ALA B 167 -20.65 -12.60 10.06
C ALA B 167 -21.37 -11.75 9.01
N ALA B 168 -22.00 -12.40 8.03
CA ALA B 168 -22.70 -11.67 6.99
C ALA B 168 -23.93 -10.95 7.54
N ASP B 169 -24.64 -11.59 8.47
CA ASP B 169 -25.93 -11.06 8.89
C ASP B 169 -25.80 -10.05 10.02
N THR B 170 -24.85 -10.25 10.93
CA THR B 170 -24.75 -9.46 12.16
C THR B 170 -23.54 -8.53 12.18
N VAL B 171 -22.38 -8.97 11.73
CA VAL B 171 -21.19 -8.11 11.85
C VAL B 171 -21.09 -7.15 10.67
N ALA B 172 -21.13 -7.68 9.44
CA ALA B 172 -20.91 -6.84 8.26
C ALA B 172 -21.78 -5.59 8.19
N PRO B 173 -23.08 -5.61 8.55
CA PRO B 173 -23.87 -4.36 8.48
C PRO B 173 -23.40 -3.29 9.45
N LEU B 174 -22.61 -3.63 10.46
CA LEU B 174 -22.12 -2.68 11.44
C LEU B 174 -20.72 -2.16 11.14
N ALA B 175 -19.99 -2.81 10.24
CA ALA B 175 -18.55 -2.58 10.15
C ALA B 175 -18.23 -1.16 9.69
N GLU B 176 -19.00 -0.63 8.73
CA GLU B 176 -18.68 0.69 8.19
C GLU B 176 -18.86 1.78 9.24
N HIS B 177 -19.98 1.75 9.96
CA HIS B 177 -20.27 2.77 10.96
C HIS B 177 -19.29 2.72 12.14
N ILE B 178 -18.91 1.53 12.58
CA ILE B 178 -17.93 1.43 13.66
C ILE B 178 -16.63 2.12 13.25
N HIS B 179 -16.18 1.87 12.02
CA HIS B 179 -14.94 2.47 11.54
C HIS B 179 -15.09 3.98 11.36
N ARG B 180 -16.10 4.41 10.63
CA ARG B 180 -16.22 5.82 10.26
C ARG B 180 -16.44 6.71 11.47
N GLU B 181 -17.10 6.24 12.52
CA GLU B 181 -17.29 7.05 13.72
C GLU B 181 -16.34 6.66 14.87
N ASP B 182 -15.36 5.79 14.61
CA ASP B 182 -14.43 5.28 15.63
C ASP B 182 -15.18 4.85 16.89
N LEU B 183 -16.22 4.01 16.70
CA LEU B 183 -17.07 3.60 17.80
C LEU B 183 -16.47 2.41 18.55
N ILE B 184 -16.68 2.39 19.86
CA ILE B 184 -16.37 1.19 20.63
C ILE B 184 -17.26 0.05 20.13
N ILE B 185 -16.73 -1.16 20.10
CA ILE B 185 -17.55 -2.29 19.66
C ILE B 185 -18.83 -2.34 20.48
N PRO B 186 -20.01 -2.43 19.85
CA PRO B 186 -21.26 -2.35 20.61
C PRO B 186 -21.45 -3.58 21.50
N ASP B 187 -22.01 -3.34 22.69
CA ASP B 187 -22.25 -4.46 23.61
C ASP B 187 -23.17 -5.52 23.00
N SER B 188 -24.17 -5.10 22.23
CA SER B 188 -25.04 -6.09 21.60
C SER B 188 -24.24 -7.06 20.74
N LEU B 189 -23.18 -6.58 20.07
CA LEU B 189 -22.36 -7.47 19.27
C LEU B 189 -21.44 -8.33 20.13
N LEU B 190 -20.86 -7.75 21.17
CA LEU B 190 -20.06 -8.51 22.11
C LEU B 190 -20.86 -9.66 22.74
N ALA B 191 -22.10 -9.38 23.14
CA ALA B 191 -22.90 -10.43 23.77
C ALA B 191 -23.21 -11.55 22.80
N ALA B 192 -23.48 -11.21 21.53
CA ALA B 192 -23.78 -12.23 20.54
C ALA B 192 -22.54 -13.08 20.25
N LEU B 193 -21.37 -12.44 20.18
CA LEU B 193 -20.13 -13.19 20.01
C LEU B 193 -19.84 -14.06 21.22
N ARG B 194 -20.03 -13.52 22.42
CA ARG B 194 -19.89 -14.30 23.64
C ARG B 194 -20.69 -15.61 23.56
N ASP B 195 -21.96 -15.51 23.15
CA ASP B 195 -22.80 -16.69 23.18
C ASP B 195 -22.54 -17.61 22.00
N MET B 196 -21.83 -17.16 20.97
CA MET B 196 -21.32 -18.05 19.94
C MET B 196 -20.05 -18.79 20.38
N GLY B 197 -19.51 -18.47 21.56
CA GLY B 197 -18.31 -19.11 22.05
C GLY B 197 -17.01 -18.47 21.59
N VAL B 198 -17.04 -17.21 21.10
CA VAL B 198 -15.87 -16.61 20.46
C VAL B 198 -14.71 -16.38 21.41
N PHE B 199 -14.94 -16.37 22.72
CA PHE B 199 -13.86 -16.13 23.67
C PHE B 199 -13.27 -17.40 24.26
N GLY B 200 -13.85 -18.57 23.95
CA GLY B 200 -13.42 -19.80 24.59
C GLY B 200 -12.82 -20.83 23.66
N LEU B 201 -12.51 -20.45 22.41
CA LEU B 201 -12.06 -21.41 21.40
C LEU B 201 -10.69 -22.02 21.70
N SER B 202 -9.82 -21.31 22.43
CA SER B 202 -8.52 -21.91 22.75
C SER B 202 -8.38 -22.27 24.23
N ILE B 203 -9.49 -22.40 24.94
CA ILE B 203 -9.49 -22.72 26.36
C ILE B 203 -10.02 -24.14 26.52
N PRO B 204 -9.28 -25.06 27.13
CA PRO B 204 -9.73 -26.46 27.23
C PRO B 204 -11.06 -26.60 27.95
N GLU B 205 -11.79 -27.65 27.58
CA GLU B 205 -13.10 -27.90 28.18
C GLU B 205 -13.03 -28.00 29.70
N ARG B 206 -12.01 -28.68 30.24
CA ARG B 206 -11.95 -28.83 31.68
C ARG B 206 -11.73 -27.51 32.40
N TYR B 207 -11.38 -26.43 31.68
CA TYR B 207 -11.19 -25.12 32.26
C TYR B 207 -12.28 -24.14 31.86
N GLY B 208 -13.39 -24.64 31.30
CA GLY B 208 -14.52 -23.79 30.99
C GLY B 208 -14.64 -23.31 29.55
N GLY B 209 -13.78 -23.79 28.64
CA GLY B 209 -13.86 -23.44 27.24
C GLY B 209 -14.40 -24.58 26.39
N SER B 210 -14.22 -24.44 25.08
CA SER B 210 -14.71 -25.45 24.14
C SER B 210 -13.60 -26.28 23.51
N ALA B 211 -12.33 -26.03 23.85
CA ALA B 211 -11.22 -26.73 23.22
C ALA B 211 -11.01 -28.11 23.83
N PRO B 212 -10.39 -29.03 23.08
CA PRO B 212 -10.10 -30.36 23.65
C PRO B 212 -9.18 -30.27 24.85
N ASP B 213 -9.33 -31.25 25.76
CA ASP B 213 -8.50 -31.27 26.97
C ASP B 213 -7.11 -31.82 26.72
N ASP B 214 -6.97 -32.74 25.77
CA ASP B 214 -5.68 -33.39 25.56
C ASP B 214 -4.85 -32.74 24.48
N GLN B 215 -5.50 -32.12 23.49
CA GLN B 215 -4.85 -31.64 22.28
C GLN B 215 -4.94 -30.13 22.19
N GLU B 216 -4.14 -29.55 21.31
CA GLU B 216 -4.04 -28.11 21.14
C GLU B 216 -4.31 -27.74 19.68
N ASP B 217 -5.45 -28.16 19.15
CA ASP B 217 -5.74 -27.93 17.74
C ASP B 217 -6.15 -26.48 17.44
N PRO B 218 -5.35 -25.74 16.67
CA PRO B 218 -5.67 -24.34 16.37
C PRO B 218 -6.61 -24.13 15.19
N LEU B 219 -6.98 -25.18 14.46
CA LEU B 219 -7.75 -25.01 13.22
C LEU B 219 -9.14 -24.43 13.46
N THR B 220 -9.78 -24.78 14.59
CA THR B 220 -11.07 -24.17 14.91
C THR B 220 -10.91 -22.68 15.19
N MET B 221 -9.88 -22.34 15.96
CA MET B 221 -9.58 -20.94 16.22
C MET B 221 -9.36 -20.18 14.92
N ILE B 222 -8.58 -20.76 14.01
CA ILE B 222 -8.27 -20.12 12.73
C ILE B 222 -9.54 -19.92 11.90
N VAL B 223 -10.37 -20.96 11.80
CA VAL B 223 -11.46 -20.89 10.83
C VAL B 223 -12.52 -19.90 11.29
N VAL B 224 -12.77 -19.82 12.60
CA VAL B 224 -13.66 -18.79 13.12
C VAL B 224 -13.05 -17.40 12.93
N THR B 225 -11.76 -17.25 13.24
CA THR B 225 -11.08 -15.98 13.00
C THR B 225 -11.25 -15.51 11.56
N GLU B 226 -11.01 -16.40 10.60
CA GLU B 226 -11.13 -16.02 9.19
C GLU B 226 -12.53 -15.52 8.87
N ALA B 227 -13.56 -16.25 9.30
CA ALA B 227 -14.92 -15.89 8.92
C ALA B 227 -15.31 -14.55 9.52
N LEU B 228 -14.95 -14.32 10.78
CA LEU B 228 -15.30 -13.04 11.41
C LEU B 228 -14.50 -11.90 10.80
N SER B 229 -13.20 -12.13 10.53
CA SER B 229 -12.35 -11.08 9.98
C SER B 229 -12.80 -10.62 8.61
N GLN B 230 -13.43 -11.51 7.83
CA GLN B 230 -13.94 -11.12 6.53
C GLN B 230 -14.95 -9.98 6.66
N ALA B 231 -15.75 -10.01 7.72
CA ALA B 231 -16.76 -8.98 7.95
C ALA B 231 -16.16 -7.76 8.65
N SER B 232 -15.39 -7.97 9.72
CA SER B 232 -14.67 -6.87 10.35
C SER B 232 -13.39 -7.35 11.01
N LEU B 233 -12.23 -6.84 10.56
CA LEU B 233 -10.97 -7.22 11.21
C LEU B 233 -10.99 -6.87 12.68
N ALA B 234 -11.29 -5.60 12.99
CA ALA B 234 -11.13 -5.09 14.35
C ALA B 234 -12.33 -5.33 15.25
N ALA B 235 -13.55 -5.29 14.71
CA ALA B 235 -14.74 -5.46 15.55
C ALA B 235 -15.18 -6.91 15.73
N ALA B 236 -14.54 -7.88 15.06
CA ALA B 236 -14.99 -9.25 15.23
C ALA B 236 -13.83 -10.24 15.18
N GLY B 237 -13.05 -10.22 14.09
CA GLY B 237 -11.94 -11.15 13.98
C GLY B 237 -10.89 -10.99 15.08
N SER B 238 -10.72 -9.77 15.59
CA SER B 238 -9.71 -9.50 16.59
C SER B 238 -10.19 -9.75 18.01
N LEU B 239 -11.45 -10.17 18.21
CA LEU B 239 -11.90 -10.49 19.56
C LEU B 239 -11.33 -11.83 20.04
N ILE B 240 -10.84 -12.65 19.12
CA ILE B 240 -10.23 -13.92 19.47
C ILE B 240 -8.78 -13.73 19.93
N THR B 241 -8.13 -12.63 19.53
CA THR B 241 -6.68 -12.51 19.68
C THR B 241 -6.25 -12.43 21.15
N ARG B 242 -6.85 -11.52 21.91
CA ARG B 242 -6.42 -11.35 23.30
C ARG B 242 -6.63 -12.61 24.13
N PRO B 243 -7.81 -13.26 24.11
CA PRO B 243 -7.91 -14.54 24.83
C PRO B 243 -6.96 -15.59 24.31
N GLU B 244 -6.59 -15.58 23.03
CA GLU B 244 -5.65 -16.59 22.56
C GLU B 244 -4.28 -16.39 23.21
N ILE B 245 -3.82 -15.14 23.29
CA ILE B 245 -2.51 -14.87 23.87
C ILE B 245 -2.53 -15.11 25.38
N LEU B 246 -3.53 -14.57 26.08
CA LEU B 246 -3.57 -14.71 27.54
C LEU B 246 -3.83 -16.16 27.98
N SER B 247 -4.78 -16.86 27.34
CA SER B 247 -5.00 -18.25 27.74
C SER B 247 -3.74 -19.08 27.51
N ARG B 248 -3.04 -18.86 26.41
CA ARG B 248 -1.79 -19.58 26.18
C ARG B 248 -0.75 -19.26 27.26
N ALA B 249 -0.61 -17.97 27.62
CA ALA B 249 0.31 -17.62 28.70
C ALA B 249 -0.10 -18.26 30.02
N LEU B 250 -1.40 -18.33 30.32
CA LEU B 250 -1.84 -18.96 31.57
C LEU B 250 -1.62 -20.47 31.54
N LEU B 251 -1.81 -21.09 30.39
CA LEU B 251 -1.55 -22.52 30.29
C LEU B 251 -0.06 -22.81 30.41
N SER B 252 0.78 -21.92 29.88
CA SER B 252 2.22 -22.08 29.97
C SER B 252 2.71 -21.92 31.41
N GLY B 253 2.24 -20.88 32.10
CA GLY B 253 2.88 -20.54 33.36
C GLY B 253 2.00 -20.35 34.57
N GLY B 254 0.69 -20.46 34.43
CA GLY B 254 -0.17 -20.26 35.57
C GLY B 254 -0.21 -21.49 36.46
N THR B 255 -0.55 -21.27 37.73
CA THR B 255 -0.76 -22.39 38.63
C THR B 255 -2.14 -22.99 38.37
N GLU B 256 -2.33 -24.22 38.86
CA GLU B 256 -3.61 -24.89 38.64
C GLU B 256 -4.77 -24.02 39.11
N SER B 257 -4.63 -23.40 40.29
CA SER B 257 -5.69 -22.54 40.80
C SER B 257 -5.91 -21.30 39.94
N GLN B 258 -4.85 -20.75 39.34
CA GLN B 258 -5.04 -19.61 38.44
C GLN B 258 -5.77 -20.03 37.17
N LYS B 259 -5.39 -21.17 36.60
CA LYS B 259 -6.08 -21.66 35.40
C LYS B 259 -7.55 -21.92 35.67
N GLN B 260 -7.87 -22.54 36.81
CA GLN B 260 -9.27 -22.78 37.15
C GLN B 260 -10.03 -21.48 37.34
N HIS B 261 -9.42 -20.49 37.98
CA HIS B 261 -10.15 -19.26 38.26
C HIS B 261 -10.30 -18.40 37.02
N TRP B 262 -9.21 -18.18 36.28
CA TRP B 262 -9.21 -17.18 35.21
C TRP B 262 -9.79 -17.70 33.90
N LEU B 263 -9.42 -18.92 33.48
CA LEU B 263 -9.77 -19.37 32.13
C LEU B 263 -11.28 -19.54 31.94
N ALA B 264 -12.01 -19.96 32.97
CA ALA B 264 -13.45 -20.13 32.84
C ALA B 264 -14.15 -18.78 32.74
N ARG B 265 -13.66 -17.78 33.47
CA ARG B 265 -14.18 -16.43 33.37
C ARG B 265 -13.83 -15.79 32.03
N LEU B 266 -12.57 -15.93 31.59
CA LEU B 266 -12.20 -15.38 30.29
C LEU B 266 -13.04 -15.98 29.16
N ALA B 267 -13.30 -17.29 29.24
CA ALA B 267 -14.04 -17.97 28.19
C ALA B 267 -15.44 -17.40 28.00
N VAL B 268 -16.02 -16.75 29.02
CA VAL B 268 -17.32 -16.11 28.85
C VAL B 268 -17.22 -14.60 28.81
N GLY B 269 -16.02 -14.04 28.68
CA GLY B 269 -15.94 -12.60 28.57
C GLY B 269 -16.21 -11.84 29.86
N ASP B 270 -16.03 -12.46 31.02
CA ASP B 270 -16.24 -11.83 32.32
C ASP B 270 -15.00 -12.04 33.17
N PRO B 271 -13.94 -11.27 32.94
CA PRO B 271 -13.85 -10.06 32.10
C PRO B 271 -13.30 -10.28 30.69
N LEU B 272 -13.46 -9.29 29.82
CA LEU B 272 -12.65 -9.23 28.62
C LEU B 272 -11.22 -8.91 29.03
N CYS B 273 -10.26 -9.29 28.19
CA CYS B 273 -8.85 -9.04 28.49
C CYS B 273 -8.17 -8.21 27.39
N ALA B 274 -7.04 -7.61 27.78
CA ALA B 274 -6.21 -6.83 26.86
C ALA B 274 -4.75 -7.12 27.16
N ILE B 275 -3.91 -7.01 26.15
CA ILE B 275 -2.51 -7.41 26.21
C ILE B 275 -1.68 -6.13 26.30
N ALA B 276 -0.91 -5.99 27.40
CA ALA B 276 -0.13 -4.78 27.65
C ALA B 276 1.34 -5.16 27.68
N ILE B 277 1.95 -5.25 26.49
CA ILE B 277 3.38 -5.51 26.35
C ILE B 277 4.13 -4.23 25.99
N THR B 278 3.76 -3.62 24.85
CA THR B 278 4.47 -2.51 24.26
C THR B 278 4.52 -1.28 25.16
N GLU B 279 5.66 -0.58 25.14
CA GLU B 279 5.90 0.68 25.83
C GLU B 279 6.31 1.76 24.83
N PRO B 280 6.27 3.05 25.22
CA PRO B 280 6.68 4.11 24.29
C PRO B 280 8.08 3.91 23.73
N ASP B 281 9.03 3.38 24.52
CA ASP B 281 10.41 3.25 24.09
C ASP B 281 10.78 1.86 23.59
N TYR B 282 9.87 0.89 23.69
CA TYR B 282 10.14 -0.52 23.37
C TYR B 282 8.90 -1.16 22.79
N GLY B 283 9.02 -1.70 21.58
CA GLY B 283 7.99 -2.56 21.01
C GLY B 283 8.54 -3.87 20.50
N SER B 284 9.41 -3.81 19.49
CA SER B 284 10.12 -5.01 19.04
C SER B 284 10.98 -5.62 20.15
N ASP B 285 11.63 -4.77 20.95
CA ASP B 285 12.59 -5.25 21.95
C ASP B 285 11.87 -5.51 23.27
N VAL B 286 11.14 -6.62 23.32
CA VAL B 286 10.41 -6.95 24.55
C VAL B 286 11.35 -7.17 25.72
N ALA B 287 12.55 -7.71 25.50
CA ALA B 287 13.44 -7.97 26.62
C ALA B 287 13.90 -6.69 27.31
N GLY B 288 13.78 -5.53 26.65
CA GLY B 288 14.17 -4.24 27.18
C GLY B 288 13.14 -3.45 27.95
N LEU B 289 11.90 -3.97 28.07
CA LEU B 289 10.78 -3.23 28.66
C LEU B 289 11.10 -2.79 30.07
N THR B 290 10.63 -1.60 30.47
CA THR B 290 11.01 -1.12 31.80
C THR B 290 9.88 -0.75 32.75
N LEU B 291 8.60 -0.96 32.38
CA LEU B 291 7.53 -0.71 33.35
C LEU B 291 7.89 -1.40 34.65
N ARG B 292 7.85 -0.65 35.76
CA ARG B 292 8.51 -1.06 37.00
C ARG B 292 7.51 -1.61 38.01
N GLY B 293 7.79 -2.79 38.54
CA GLY B 293 7.04 -3.33 39.65
C GLY B 293 7.88 -3.31 40.91
N THR B 294 7.37 -2.68 41.97
CA THR B 294 8.10 -2.61 43.23
C THR B 294 7.36 -3.44 44.27
N PRO B 295 8.03 -4.35 44.97
CA PRO B 295 7.32 -5.18 45.95
C PRO B 295 6.79 -4.34 47.10
N CYS B 296 5.60 -4.71 47.57
CA CYS B 296 5.00 -4.14 48.77
C CYS B 296 4.23 -5.27 49.47
N GLU B 297 3.65 -4.97 50.62
CA GLU B 297 3.03 -6.02 51.42
C GLU B 297 1.79 -6.55 50.69
N GLY B 298 1.79 -7.85 50.38
CA GLY B 298 0.69 -8.47 49.67
C GLY B 298 0.76 -8.37 48.16
N GLY B 299 1.74 -7.68 47.59
CA GLY B 299 1.83 -7.62 46.14
C GLY B 299 2.87 -6.68 45.56
N TRP B 300 2.48 -5.93 44.53
CA TRP B 300 3.37 -5.11 43.71
C TRP B 300 2.71 -3.76 43.45
N ARG B 301 3.51 -2.69 43.47
CA ARG B 301 3.14 -1.38 42.94
C ARG B 301 3.75 -1.21 41.56
N LEU B 302 2.94 -0.81 40.58
CA LEU B 302 3.42 -0.60 39.21
C LEU B 302 3.52 0.89 38.90
N ASN B 303 4.63 1.27 38.25
CA ASN B 303 4.90 2.67 37.89
C ASN B 303 5.47 2.70 36.48
N GLY B 304 4.86 3.47 35.60
CA GLY B 304 5.40 3.70 34.28
C GLY B 304 4.31 3.67 33.22
N ALA B 305 4.74 3.55 31.97
CA ALA B 305 3.86 3.69 30.83
C ALA B 305 3.80 2.40 30.02
N LYS B 306 2.63 2.15 29.43
CA LYS B 306 2.46 1.21 28.34
C LYS B 306 1.83 1.99 27.18
N THR B 307 1.90 1.43 25.98
CA THR B 307 1.19 2.09 24.91
C THR B 307 0.77 1.08 23.84
N TRP B 308 -0.08 1.56 22.92
CA TRP B 308 -0.74 0.73 21.92
C TRP B 308 -1.56 -0.40 22.56
N CYS B 309 -2.05 -0.24 23.77
CA CYS B 309 -2.72 -1.37 24.44
C CYS B 309 -4.16 -1.45 23.95
N THR B 310 -4.42 -2.37 23.05
CA THR B 310 -5.70 -2.43 22.34
C THR B 310 -6.78 -3.03 23.24
N PHE B 311 -7.96 -2.38 23.27
CA PHE B 311 -9.10 -2.80 24.09
C PHE B 311 -8.84 -2.56 25.58
N ALA B 312 -7.83 -1.76 25.94
CA ALA B 312 -7.53 -1.55 27.35
C ALA B 312 -8.68 -0.91 28.11
N GLY B 313 -9.47 -0.05 27.47
CA GLY B 313 -10.58 0.57 28.17
C GLY B 313 -11.66 -0.43 28.57
N LYS B 314 -12.10 -1.27 27.63
CA LYS B 314 -13.21 -2.18 27.92
C LYS B 314 -12.78 -3.38 28.76
N ALA B 315 -11.51 -3.81 28.63
CA ALA B 315 -11.06 -5.02 29.30
C ALA B 315 -11.02 -4.82 30.81
N GLY B 316 -11.56 -5.79 31.56
CA GLY B 316 -11.42 -5.76 33.01
C GLY B 316 -10.12 -6.36 33.55
N VAL B 317 -9.30 -6.99 32.70
CA VAL B 317 -7.99 -7.47 33.13
C VAL B 317 -7.00 -7.17 32.01
N LEU B 318 -5.83 -6.64 32.38
CA LEU B 318 -4.71 -6.41 31.46
C LEU B 318 -3.61 -7.43 31.75
N MET B 319 -3.05 -8.02 30.70
CA MET B 319 -1.88 -8.88 30.89
C MET B 319 -0.63 -8.00 30.76
N VAL B 320 0.01 -7.67 31.87
CA VAL B 320 1.01 -6.60 31.90
C VAL B 320 2.41 -7.21 32.06
N VAL B 321 3.25 -7.09 31.02
CA VAL B 321 4.67 -7.45 31.15
C VAL B 321 5.34 -6.40 32.03
N THR B 322 5.82 -6.84 33.19
CA THR B 322 6.32 -5.94 34.23
C THR B 322 7.75 -6.32 34.60
N ARG B 323 8.64 -5.32 34.66
CA ARG B 323 10.00 -5.55 35.16
C ARG B 323 9.96 -5.53 36.68
N THR B 324 9.88 -6.71 37.29
CA THR B 324 9.79 -6.85 38.73
C THR B 324 11.16 -6.92 39.39
N ASN B 325 12.24 -6.96 38.61
CA ASN B 325 13.59 -7.07 39.16
C ASN B 325 14.40 -5.82 38.83
N PRO B 326 15.02 -5.19 39.83
CA PRO B 326 15.76 -3.93 39.59
C PRO B 326 17.04 -4.05 38.74
N ASP B 327 17.59 -5.24 38.50
CA ASP B 327 18.82 -5.33 37.70
C ASP B 327 18.46 -5.44 36.22
N LYS B 328 18.50 -4.30 35.51
CA LYS B 328 17.98 -4.28 34.14
C LYS B 328 18.84 -5.08 33.17
N SER B 329 20.11 -5.31 33.47
CA SER B 329 20.95 -6.13 32.61
C SER B 329 20.53 -7.61 32.60
N LEU B 330 19.63 -8.04 33.49
CA LEU B 330 19.01 -9.34 33.33
C LEU B 330 18.24 -9.46 32.01
N GLY B 331 17.95 -8.35 31.37
CA GLY B 331 17.13 -8.39 30.17
C GLY B 331 15.84 -9.11 30.44
N HIS B 332 15.54 -10.11 29.60
CA HIS B 332 14.26 -10.80 29.70
C HIS B 332 14.07 -11.55 31.01
N ARG B 333 15.15 -11.83 31.75
CA ARG B 333 14.99 -12.57 32.98
C ARG B 333 14.50 -11.71 34.13
N GLY B 334 14.37 -10.40 33.96
CA GLY B 334 13.79 -9.60 35.03
C GLY B 334 12.30 -9.31 34.89
N LEU B 335 11.63 -10.01 33.98
CA LEU B 335 10.25 -9.69 33.60
C LEU B 335 9.28 -10.73 34.16
N SER B 336 8.07 -10.26 34.52
CA SER B 336 6.97 -11.08 35.05
C SER B 336 5.66 -10.65 34.41
N LEU B 337 4.71 -11.58 34.32
CA LEU B 337 3.38 -11.30 33.80
C LEU B 337 2.42 -11.05 34.97
N LEU B 338 1.88 -9.84 35.06
CA LEU B 338 0.98 -9.47 36.15
C LEU B 338 -0.40 -9.13 35.58
N LEU B 339 -1.45 -9.66 36.22
CA LEU B 339 -2.82 -9.43 35.80
C LEU B 339 -3.35 -8.20 36.53
N ALA B 340 -3.49 -7.08 35.81
CA ALA B 340 -4.00 -5.86 36.40
C ALA B 340 -5.50 -5.78 36.17
N GLU B 341 -6.27 -5.67 37.26
CA GLU B 341 -7.73 -5.63 37.19
C GLU B 341 -8.24 -4.20 37.29
N LYS B 342 -9.33 -3.91 36.56
CA LYS B 342 -9.85 -2.55 36.44
C LYS B 342 -11.33 -2.63 36.07
N PRO B 343 -12.10 -1.58 36.36
CA PRO B 343 -13.45 -1.48 35.80
C PRO B 343 -13.37 -1.41 34.27
N SER B 344 -14.53 -1.66 33.65
CA SER B 344 -14.68 -1.57 32.21
C SER B 344 -15.14 -0.15 31.83
N TYR B 345 -14.55 0.39 30.76
CA TYR B 345 -14.85 1.73 30.24
C TYR B 345 -15.01 1.65 28.74
N ASP B 346 -16.03 2.35 28.21
CA ASP B 346 -16.31 2.29 26.80
C ASP B 346 -15.78 3.48 26.02
N GLY B 347 -15.21 4.50 26.69
CA GLY B 347 -14.84 5.74 26.04
C GLY B 347 -13.43 5.73 25.45
N HIS B 348 -13.03 6.88 24.90
CA HIS B 348 -11.66 7.04 24.39
C HIS B 348 -10.67 7.47 25.47
N GLU B 349 -11.12 7.71 26.69
CA GLU B 349 -10.19 7.87 27.80
C GLU B 349 -10.83 7.34 29.08
N PHE B 350 -9.99 7.02 30.05
CA PHE B 350 -10.50 6.51 31.32
C PHE B 350 -9.51 6.84 32.42
N ASP B 351 -10.03 6.95 33.64
CA ASP B 351 -9.24 7.34 34.79
C ASP B 351 -9.73 6.49 35.96
N PHE B 352 -8.94 5.48 36.34
CA PHE B 352 -9.28 4.54 37.40
C PHE B 352 -8.41 4.78 38.63
N ARG B 353 -9.03 5.00 39.80
CA ARG B 353 -8.31 5.09 41.06
C ARG B 353 -8.73 3.94 41.97
N GLN B 354 -7.74 3.17 42.44
CA GLN B 354 -8.01 2.08 43.37
C GLN B 354 -8.37 2.65 44.73
N PRO B 355 -9.05 1.87 45.59
CA PRO B 355 -9.35 2.36 46.94
C PRO B 355 -8.11 2.73 47.74
N GLY B 356 -6.98 2.07 47.49
CA GLY B 356 -5.72 2.44 48.13
C GLY B 356 -5.02 3.64 47.54
N GLY B 357 -5.53 4.22 46.44
CA GLY B 357 -4.94 5.41 45.86
C GLY B 357 -4.13 5.18 44.59
N GLY B 358 -3.75 3.93 44.31
CA GLY B 358 -3.08 3.64 43.05
C GLY B 358 -3.91 4.04 41.85
N SER B 359 -3.23 4.32 40.75
CA SER B 359 -3.89 4.98 39.63
C SER B 359 -3.51 4.34 38.31
N LEU B 360 -4.50 4.21 37.41
CA LEU B 360 -4.26 3.82 36.02
C LEU B 360 -5.13 4.71 35.13
N THR B 361 -4.49 5.47 34.23
CA THR B 361 -5.22 6.29 33.29
C THR B 361 -4.90 5.87 31.86
N GLY B 362 -5.81 6.20 30.94
CA GLY B 362 -5.67 5.75 29.57
C GLY B 362 -6.22 6.77 28.59
N ARG B 363 -5.59 6.91 27.43
CA ARG B 363 -6.06 7.79 26.37
C ARG B 363 -5.85 7.08 25.04
N ALA B 364 -6.92 6.95 24.25
CA ALA B 364 -6.85 6.21 23.00
C ALA B 364 -6.03 6.98 21.96
N ILE B 365 -5.41 6.24 21.04
CA ILE B 365 -4.56 6.77 19.98
C ILE B 365 -5.31 6.65 18.67
N PRO B 366 -5.75 7.74 18.05
CA PRO B 366 -6.51 7.61 16.80
C PRO B 366 -5.63 7.04 15.68
N THR B 367 -6.20 6.12 14.91
CA THR B 367 -5.49 5.32 13.90
C THR B 367 -6.17 5.49 12.55
N ILE B 368 -5.46 5.15 11.47
CA ILE B 368 -6.09 5.19 10.14
C ILE B 368 -7.03 4.01 9.91
N GLY B 369 -6.90 2.93 10.68
CA GLY B 369 -7.83 1.82 10.56
C GLY B 369 -7.76 0.97 11.81
N TYR B 370 -8.17 -0.29 11.67
CA TYR B 370 -8.19 -1.23 12.80
C TYR B 370 -9.00 -0.63 13.98
N ARG B 371 -10.18 -0.09 13.66
CA ARG B 371 -10.94 0.69 14.64
C ARG B 371 -12.02 -0.14 15.31
N GLY B 372 -12.25 0.11 16.60
CA GLY B 372 -13.36 -0.54 17.29
C GLY B 372 -13.07 -0.88 18.74
N MET B 373 -11.86 -1.33 18.99
CA MET B 373 -11.40 -1.66 20.34
C MET B 373 -10.70 -0.51 21.01
N HIS B 374 -10.08 0.37 20.20
CA HIS B 374 -9.20 1.47 20.62
C HIS B 374 -7.87 0.93 21.13
N SER B 375 -6.80 1.70 20.97
CA SER B 375 -5.48 1.39 21.47
C SER B 375 -4.99 2.57 22.31
N PHE B 376 -4.57 2.25 23.53
CA PHE B 376 -4.33 3.33 24.49
C PHE B 376 -2.93 3.54 25.03
N ASP B 377 -2.62 4.80 25.28
CA ASP B 377 -1.41 5.14 26.05
C ASP B 377 -1.87 4.93 27.49
N LEU B 378 -1.10 4.18 28.27
CA LEU B 378 -1.49 3.89 29.67
C LEU B 378 -0.45 4.45 30.64
N SER B 379 -0.91 4.98 31.76
CA SER B 379 -0.01 5.47 32.80
C SER B 379 -0.37 4.80 34.11
N PHE B 380 0.58 4.05 34.69
CA PHE B 380 0.43 3.40 35.98
C PHE B 380 1.16 4.23 37.03
N GLU B 381 0.50 4.54 38.12
CA GLU B 381 1.10 5.32 39.20
C GLU B 381 0.79 4.62 40.52
N ASP B 382 1.80 3.95 41.09
CA ASP B 382 1.63 3.15 42.32
C ASP B 382 0.39 2.25 42.24
N PHE B 383 0.18 1.65 41.07
CA PHE B 383 -0.94 0.76 40.82
C PHE B 383 -0.68 -0.60 41.47
N PHE B 384 -1.60 -1.05 42.32
CA PHE B 384 -1.41 -2.28 43.08
C PHE B 384 -1.87 -3.52 42.32
N VAL B 385 -1.05 -4.57 42.38
CA VAL B 385 -1.38 -5.88 41.83
C VAL B 385 -1.04 -6.90 42.91
N PRO B 386 -1.99 -7.74 43.34
CA PRO B 386 -1.71 -8.67 44.43
C PRO B 386 -0.79 -9.81 43.99
N ASP B 387 -0.12 -10.42 44.98
CA ASP B 387 0.74 -11.57 44.72
C ASP B 387 0.03 -12.63 43.87
N GLY B 388 -1.24 -12.92 44.18
CA GLY B 388 -1.99 -13.96 43.47
C GLY B 388 -2.27 -13.68 42.00
N ASN B 389 -1.98 -12.47 41.51
CA ASN B 389 -2.19 -12.10 40.11
C ASN B 389 -0.89 -12.10 39.29
N VAL B 390 0.25 -12.43 39.91
CA VAL B 390 1.44 -12.81 39.16
C VAL B 390 1.19 -14.18 38.55
N ILE B 391 1.27 -14.27 37.21
CA ILE B 391 1.07 -15.57 36.57
C ILE B 391 2.19 -16.50 37.01
N GLY B 392 1.82 -17.64 37.60
CA GLY B 392 2.78 -18.51 38.24
C GLY B 392 2.97 -18.26 39.73
N GLU B 393 2.33 -17.22 40.28
CA GLU B 393 2.55 -16.80 41.65
C GLU B 393 4.06 -16.66 41.87
N ALA B 394 4.57 -17.01 43.05
CA ALA B 394 5.99 -16.75 43.33
C ALA B 394 6.91 -17.29 42.24
N GLN B 395 6.64 -18.51 41.75
CA GLN B 395 7.54 -19.11 40.78
C GLN B 395 7.39 -18.52 39.38
N GLY B 396 6.41 -17.64 39.17
CA GLY B 396 6.34 -16.93 37.90
C GLY B 396 7.20 -15.69 37.81
N LEU B 397 7.71 -15.20 38.94
CA LEU B 397 8.55 -14.00 38.95
C LEU B 397 9.81 -14.25 38.13
N GLY B 398 10.05 -13.38 37.15
CA GLY B 398 11.24 -13.50 36.31
C GLY B 398 11.09 -14.43 35.14
N LYS B 399 9.92 -15.06 34.98
CA LYS B 399 9.66 -16.02 33.91
C LYS B 399 8.67 -15.48 32.89
N GLY B 400 8.31 -14.19 32.97
CA GLY B 400 7.24 -13.67 32.14
C GLY B 400 7.58 -13.54 30.66
N PHE B 401 8.88 -13.42 30.34
CA PHE B 401 9.26 -13.38 28.94
C PHE B 401 8.94 -14.69 28.24
N TYR B 402 9.22 -15.82 28.91
CA TYR B 402 8.97 -17.11 28.30
C TYR B 402 7.49 -17.30 28.00
N HIS B 403 6.63 -17.01 28.99
CA HIS B 403 5.20 -17.17 28.80
C HIS B 403 4.64 -16.19 27.78
N THR B 404 5.19 -14.96 27.72
CA THR B 404 4.80 -14.01 26.68
C THR B 404 5.11 -14.56 25.30
N MET B 405 6.32 -15.09 25.11
CA MET B 405 6.67 -15.62 23.80
C MET B 405 5.75 -16.76 23.41
N ALA B 406 5.44 -17.66 24.36
CA ALA B 406 4.47 -18.72 24.11
C ALA B 406 3.14 -18.15 23.66
N GLY B 407 2.67 -17.08 24.32
CA GLY B 407 1.45 -16.42 23.88
C GLY B 407 1.54 -15.88 22.47
N MET B 408 2.70 -15.28 22.10
CA MET B 408 2.83 -14.66 20.79
C MET B 408 2.84 -15.70 19.66
N THR B 409 3.23 -16.94 19.95
CA THR B 409 3.12 -17.98 18.95
C THR B 409 1.67 -18.18 18.52
N GLY B 410 0.78 -18.33 19.51
CA GLY B 410 -0.64 -18.44 19.18
C GLY B 410 -1.19 -17.17 18.57
N GLY B 411 -0.77 -16.02 19.07
CA GLY B 411 -1.25 -14.76 18.52
C GLY B 411 -0.93 -14.63 17.04
N ARG B 412 0.31 -14.97 16.66
CA ARG B 412 0.73 -14.83 15.27
C ARG B 412 0.04 -15.86 14.38
N MET B 413 -0.17 -17.08 14.88
CA MET B 413 -1.01 -18.02 14.15
C MET B 413 -2.40 -17.43 13.92
N GLN B 414 -3.03 -16.91 14.97
CA GLN B 414 -4.35 -16.31 14.87
C GLN B 414 -4.34 -15.12 13.92
N THR B 415 -3.23 -14.38 13.88
CA THR B 415 -3.14 -13.21 13.03
C THR B 415 -3.00 -13.58 11.55
N ALA B 416 -2.39 -14.72 11.25
CA ALA B 416 -2.40 -15.21 9.87
C ALA B 416 -3.83 -15.49 9.42
N GLY B 417 -4.66 -16.02 10.33
CA GLY B 417 -6.08 -16.17 10.03
C GLY B 417 -6.76 -14.83 9.81
N ARG B 418 -6.45 -13.84 10.65
CA ARG B 418 -7.05 -12.51 10.45
C ARG B 418 -6.72 -11.96 9.07
N ALA B 419 -5.45 -12.09 8.65
CA ALA B 419 -5.01 -11.66 7.33
C ALA B 419 -5.72 -12.41 6.21
N SER B 420 -5.88 -13.73 6.38
CA SER B 420 -6.66 -14.55 5.45
C SER B 420 -8.09 -14.02 5.29
N GLY B 421 -8.77 -13.70 6.38
CA GLY B 421 -10.14 -13.23 6.27
C GLY B 421 -10.25 -11.92 5.53
N VAL B 422 -9.33 -11.00 5.79
CA VAL B 422 -9.30 -9.70 5.10
C VAL B 422 -9.05 -9.91 3.60
N MET B 423 -8.11 -10.80 3.26
CA MET B 423 -7.85 -11.12 1.85
C MET B 423 -9.08 -11.68 1.16
N ARG B 424 -9.78 -12.60 1.81
CA ARG B 424 -10.96 -13.15 1.16
C ARG B 424 -11.98 -12.04 0.90
N ALA B 425 -12.16 -11.14 1.88
CA ALA B 425 -13.13 -10.06 1.70
C ALA B 425 -12.74 -9.17 0.53
N ALA B 426 -11.46 -8.80 0.46
CA ALA B 426 -11.01 -7.92 -0.60
C ALA B 426 -11.06 -8.61 -1.95
N LEU B 427 -10.73 -9.91 -2.00
CA LEU B 427 -10.78 -10.64 -3.28
C LEU B 427 -12.22 -10.75 -3.80
N LEU B 428 -13.14 -11.20 -2.96
CA LEU B 428 -14.53 -11.32 -3.38
C LEU B 428 -15.10 -9.96 -3.78
N ALA B 429 -14.72 -8.90 -3.07
CA ALA B 429 -15.19 -7.57 -3.45
C ALA B 429 -14.69 -7.22 -4.84
N GLY B 430 -13.41 -7.49 -5.12
CA GLY B 430 -12.86 -7.19 -6.44
C GLY B 430 -13.48 -8.01 -7.54
N LEU B 431 -13.67 -9.32 -7.30
CA LEU B 431 -14.38 -10.17 -8.27
C LEU B 431 -15.76 -9.63 -8.56
N ARG B 432 -16.50 -9.28 -7.51
CA ARG B 432 -17.87 -8.80 -7.73
C ARG B 432 -17.86 -7.52 -8.55
N TYR B 433 -17.02 -6.55 -8.18
CA TYR B 433 -17.02 -5.27 -8.88
C TYR B 433 -16.64 -5.44 -10.34
N ALA B 434 -15.70 -6.34 -10.64
CA ALA B 434 -15.31 -6.57 -12.02
C ALA B 434 -16.45 -7.15 -12.85
N THR B 435 -17.35 -7.92 -12.24
CA THR B 435 -18.49 -8.41 -13.00
C THR B 435 -19.57 -7.36 -13.20
N GLU B 436 -19.62 -6.34 -12.32
CA GLU B 436 -20.69 -5.35 -12.35
C GLU B 436 -20.32 -4.12 -13.16
N ARG B 437 -19.08 -3.68 -13.09
CA ARG B 437 -18.67 -2.43 -13.70
C ARG B 437 -18.35 -2.64 -15.17
N LYS B 438 -18.97 -1.85 -16.05
CA LYS B 438 -18.63 -1.85 -17.47
C LYS B 438 -17.66 -0.73 -17.78
N VAL B 439 -16.62 -1.02 -18.56
CA VAL B 439 -15.72 0.00 -19.06
C VAL B 439 -15.50 -0.24 -20.55
N PHE B 440 -15.61 0.83 -21.34
CA PHE B 440 -15.38 0.77 -22.79
C PHE B 440 -16.23 -0.32 -23.47
N GLY B 441 -17.47 -0.48 -23.00
CA GLY B 441 -18.43 -1.34 -23.65
C GLY B 441 -18.60 -2.74 -23.07
N SER B 442 -17.76 -3.16 -22.14
CA SER B 442 -17.79 -4.53 -21.63
C SER B 442 -17.61 -4.54 -20.12
N PRO B 443 -18.06 -5.59 -19.45
CA PRO B 443 -17.68 -5.78 -18.05
C PRO B 443 -16.17 -5.79 -17.87
N LEU B 444 -15.72 -5.14 -16.80
CA LEU B 444 -14.29 -5.06 -16.49
C LEU B 444 -13.64 -6.45 -16.43
N LEU B 445 -14.37 -7.45 -15.96
CA LEU B 445 -13.90 -8.83 -15.95
C LEU B 445 -13.46 -9.32 -17.33
N ASP B 446 -14.10 -8.85 -18.40
CA ASP B 446 -13.80 -9.38 -19.72
C ASP B 446 -12.43 -8.90 -20.25
N TYR B 447 -11.72 -8.01 -19.56
CA TYR B 447 -10.43 -7.56 -20.09
C TYR B 447 -9.28 -8.39 -19.51
N PRO B 448 -8.34 -8.82 -20.36
CA PRO B 448 -7.27 -9.70 -19.90
C PRO B 448 -6.44 -9.15 -18.76
N LEU B 449 -6.21 -7.83 -18.70
CA LEU B 449 -5.47 -7.28 -17.57
C LEU B 449 -6.25 -7.47 -16.26
N THR B 450 -7.59 -7.34 -16.30
CA THR B 450 -8.39 -7.59 -15.11
C THR B 450 -8.30 -9.06 -14.68
N GLY B 451 -8.40 -9.98 -15.63
CA GLY B 451 -8.29 -11.39 -15.27
C GLY B 451 -6.95 -11.73 -14.64
N ALA B 452 -5.88 -11.14 -15.18
CA ALA B 452 -4.54 -11.42 -14.64
C ALA B 452 -4.40 -10.89 -13.22
N LYS B 453 -4.94 -9.70 -12.93
CA LYS B 453 -4.86 -9.18 -11.56
C LYS B 453 -5.68 -10.02 -10.58
N LEU B 454 -6.93 -10.31 -10.94
CA LEU B 454 -7.78 -11.12 -10.08
C LEU B 454 -7.15 -12.47 -9.78
N THR B 455 -6.67 -13.15 -10.81
CA THR B 455 -6.11 -14.49 -10.63
C THR B 455 -4.83 -14.46 -9.78
N LYS B 456 -4.00 -13.41 -9.93
CA LYS B 456 -2.80 -13.33 -9.12
C LYS B 456 -3.15 -12.97 -7.67
N MET B 457 -4.10 -12.05 -7.45
CA MET B 457 -4.63 -11.84 -6.10
C MET B 457 -5.09 -13.17 -5.48
N ALA B 458 -5.88 -13.94 -6.21
CA ALA B 458 -6.46 -15.15 -5.63
C ALA B 458 -5.41 -16.22 -5.43
N ALA B 459 -4.42 -16.30 -6.30
CA ALA B 459 -3.39 -17.32 -6.12
C ALA B 459 -2.59 -17.04 -4.85
N ARG B 460 -2.36 -15.76 -4.54
CA ARG B 460 -1.66 -15.39 -3.31
C ARG B 460 -2.50 -15.66 -2.06
N TYR B 461 -3.79 -15.27 -2.10
CA TYR B 461 -4.69 -15.61 -1.01
C TYR B 461 -4.72 -17.12 -0.74
N VAL B 462 -4.83 -17.92 -1.81
CA VAL B 462 -4.96 -19.36 -1.65
C VAL B 462 -3.66 -19.98 -1.13
N ALA B 463 -2.52 -19.59 -1.72
CA ALA B 463 -1.25 -20.12 -1.22
C ALA B 463 -1.06 -19.77 0.25
N SER B 464 -1.39 -18.53 0.62
CA SER B 464 -1.34 -18.15 2.02
C SER B 464 -2.28 -18.99 2.89
N ARG B 465 -3.48 -19.30 2.38
CA ARG B 465 -4.41 -20.08 3.20
C ARG B 465 -3.94 -21.52 3.36
N TYR B 466 -3.49 -22.15 2.27
CA TYR B 466 -2.97 -23.51 2.39
C TYR B 466 -1.74 -23.55 3.29
N LEU B 467 -0.90 -22.50 3.27
CA LEU B 467 0.21 -22.46 4.22
C LEU B 467 -0.31 -22.29 5.65
N THR B 468 -1.28 -21.40 5.85
CA THR B 468 -1.83 -21.18 7.19
C THR B 468 -2.35 -22.48 7.80
N TYR B 469 -3.09 -23.27 7.03
CA TYR B 469 -3.63 -24.51 7.59
C TYR B 469 -2.54 -25.55 7.83
N SER B 470 -1.54 -25.56 6.95
CA SER B 470 -0.40 -26.46 7.15
C SER B 470 0.31 -26.16 8.46
N VAL B 471 0.55 -24.88 8.76
CA VAL B 471 1.25 -24.53 9.99
C VAL B 471 0.38 -24.83 11.21
N GLY B 472 -0.93 -24.61 11.09
CA GLY B 472 -1.86 -24.98 12.16
C GLY B 472 -1.78 -26.45 12.52
N ARG B 473 -1.78 -27.32 11.50
CA ARG B 473 -1.58 -28.74 11.77
C ARG B 473 -0.23 -29.01 12.43
N MET B 474 0.80 -28.19 12.14
CA MET B 474 2.06 -28.39 12.84
C MET B 474 1.95 -27.99 14.30
N LEU B 475 1.29 -26.87 14.59
CA LEU B 475 1.07 -26.49 15.99
C LEU B 475 0.31 -27.58 16.74
N ALA B 476 -0.63 -28.25 16.06
CA ALA B 476 -1.40 -29.30 16.72
C ALA B 476 -0.52 -30.47 17.14
N GLN B 477 0.61 -30.67 16.46
CA GLN B 477 1.55 -31.73 16.79
C GLN B 477 2.76 -31.21 17.56
N GLY B 478 2.64 -30.07 18.22
CA GLY B 478 3.72 -29.53 19.02
C GLY B 478 4.92 -29.08 18.21
N GLU B 479 4.72 -28.70 16.95
CA GLU B 479 5.82 -28.18 16.14
C GLU B 479 5.42 -26.85 15.54
N GLY B 480 6.24 -26.32 14.63
CA GLY B 480 5.87 -25.13 13.89
C GLY B 480 5.98 -23.82 14.64
N ARG B 481 6.78 -23.77 15.71
CA ARG B 481 6.96 -22.51 16.44
C ARG B 481 7.42 -21.39 15.51
N MET B 482 8.52 -21.63 14.79
CA MET B 482 9.03 -20.61 13.86
C MET B 482 8.06 -20.41 12.70
N GLU B 483 7.44 -21.49 12.23
CA GLU B 483 6.56 -21.36 11.08
C GLU B 483 5.32 -20.51 11.38
N ALA B 484 4.91 -20.42 12.65
CA ALA B 484 3.83 -19.49 12.98
C ALA B 484 4.23 -18.05 12.63
N SER B 485 5.47 -17.66 12.93
CA SER B 485 5.94 -16.33 12.55
C SER B 485 6.12 -16.23 11.04
N LEU B 486 6.60 -17.28 10.39
CA LEU B 486 6.79 -17.25 8.94
C LEU B 486 5.45 -17.07 8.20
N VAL B 487 4.42 -17.81 8.59
CA VAL B 487 3.15 -17.65 7.88
C VAL B 487 2.49 -16.33 8.25
N LYS B 488 2.67 -15.85 9.49
CA LYS B 488 2.16 -14.52 9.81
C LYS B 488 2.84 -13.45 8.93
N LEU B 489 4.16 -13.51 8.81
CA LEU B 489 4.87 -12.57 7.94
C LEU B 489 4.35 -12.63 6.50
N PHE B 490 4.18 -13.85 5.95
CA PHE B 490 3.75 -13.98 4.56
C PHE B 490 2.32 -13.50 4.35
N ALA B 491 1.40 -13.94 5.22
CA ALA B 491 -0.03 -13.63 5.05
C ALA B 491 -0.34 -12.17 5.28
N CYS B 492 0.34 -11.54 6.26
CA CYS B 492 0.08 -10.14 6.56
C CYS B 492 0.55 -9.22 5.44
N ARG B 493 1.75 -9.44 4.91
CA ARG B 493 2.17 -8.66 3.75
C ARG B 493 1.28 -8.95 2.54
N SER B 494 0.91 -10.22 2.36
CA SER B 494 0.01 -10.56 1.25
C SER B 494 -1.33 -9.82 1.35
N ALA B 495 -1.85 -9.63 2.58
CA ALA B 495 -3.07 -8.84 2.74
C ALA B 495 -2.88 -7.40 2.23
N GLU B 496 -1.70 -6.82 2.45
CA GLU B 496 -1.45 -5.49 1.90
C GLU B 496 -1.54 -5.52 0.37
N LEU B 497 -0.93 -6.53 -0.25
CA LEU B 497 -0.86 -6.56 -1.70
C LEU B 497 -2.25 -6.83 -2.30
N VAL B 498 -3.01 -7.73 -1.68
CA VAL B 498 -4.34 -8.07 -2.19
C VAL B 498 -5.31 -6.89 -2.04
N THR B 499 -5.29 -6.21 -0.87
CA THR B 499 -6.21 -5.09 -0.68
C THR B 499 -5.85 -3.90 -1.55
N ARG B 500 -4.55 -3.62 -1.75
CA ARG B 500 -4.17 -2.55 -2.66
C ARG B 500 -4.69 -2.82 -4.07
N GLU B 501 -4.55 -4.06 -4.56
CA GLU B 501 -5.02 -4.36 -5.92
C GLU B 501 -6.54 -4.33 -6.00
N SER B 502 -7.24 -4.85 -4.97
CA SER B 502 -8.71 -4.83 -5.05
C SER B 502 -9.21 -3.41 -5.11
N LEU B 503 -8.61 -2.51 -4.33
CA LEU B 503 -8.98 -1.10 -4.38
C LEU B 503 -8.74 -0.53 -5.77
N GLN B 504 -7.61 -0.91 -6.39
CA GLN B 504 -7.30 -0.40 -7.72
C GLN B 504 -8.39 -0.80 -8.71
N ILE B 505 -8.85 -2.05 -8.64
CA ILE B 505 -9.92 -2.53 -9.54
C ILE B 505 -11.20 -1.71 -9.38
N HIS B 506 -11.46 -1.19 -8.18
CA HIS B 506 -12.65 -0.35 -7.98
C HIS B 506 -12.48 1.05 -8.55
N GLY B 507 -11.25 1.48 -8.92
CA GLY B 507 -11.10 2.85 -9.39
C GLY B 507 -11.37 3.84 -8.27
N GLY B 508 -11.93 4.99 -8.63
CA GLY B 508 -12.25 5.99 -7.61
C GLY B 508 -13.14 5.44 -6.50
N MET B 509 -14.05 4.52 -6.84
CA MET B 509 -14.91 3.93 -5.81
C MET B 509 -14.09 3.36 -4.64
N GLY B 510 -12.92 2.81 -4.92
CA GLY B 510 -12.10 2.18 -3.88
C GLY B 510 -11.60 3.13 -2.82
N TYR B 511 -11.66 4.43 -3.05
CA TYR B 511 -11.15 5.45 -2.16
C TYR B 511 -12.24 6.02 -1.25
N ALA B 512 -13.50 5.70 -1.53
CA ALA B 512 -14.64 6.20 -0.77
C ALA B 512 -14.82 5.39 0.50
N GLU B 513 -15.06 6.08 1.62
CA GLU B 513 -15.28 5.36 2.87
C GLU B 513 -16.60 4.58 2.86
N GLU B 514 -17.55 4.93 1.99
CA GLU B 514 -18.79 4.17 1.93
C GLU B 514 -18.64 2.89 1.10
N VAL B 515 -17.40 2.58 0.70
CA VAL B 515 -17.08 1.38 -0.07
C VAL B 515 -16.12 0.52 0.77
N ALA B 516 -16.45 -0.77 0.96
CA ALA B 516 -15.75 -1.56 1.97
C ALA B 516 -14.25 -1.73 1.68
N VAL B 517 -13.86 -1.82 0.42
CA VAL B 517 -12.46 -2.12 0.08
C VAL B 517 -11.53 -1.01 0.54
N SER B 518 -12.02 0.24 0.65
CA SER B 518 -11.15 1.29 1.20
C SER B 518 -10.78 0.96 2.62
N ARG B 519 -11.74 0.42 3.36
CA ARG B 519 -11.52 0.07 4.76
C ARG B 519 -10.62 -1.15 4.88
N TYR B 520 -10.82 -2.15 4.01
CA TYR B 520 -9.94 -3.33 4.05
C TYR B 520 -8.49 -2.94 3.80
N PHE B 521 -8.29 -1.91 2.97
CA PHE B 521 -6.93 -1.46 2.66
C PHE B 521 -6.25 -0.80 3.85
N VAL B 522 -6.94 0.12 4.54
CA VAL B 522 -6.28 0.75 5.68
C VAL B 522 -6.16 -0.22 6.86
N ASP B 523 -7.13 -1.15 7.02
CA ASP B 523 -7.00 -2.20 8.02
C ASP B 523 -5.80 -3.10 7.73
N ALA B 524 -5.66 -3.56 6.49
CA ALA B 524 -4.60 -4.52 6.20
C ALA B 524 -3.22 -3.93 6.44
N ARG B 525 -3.06 -2.61 6.34
CA ARG B 525 -1.76 -1.99 6.56
C ARG B 525 -1.23 -2.26 7.98
N VAL B 526 -2.13 -2.47 8.95
CA VAL B 526 -1.65 -2.67 10.33
C VAL B 526 -0.97 -4.02 10.46
N LEU B 527 -1.33 -4.98 9.61
CA LEU B 527 -1.03 -6.38 9.92
C LEU B 527 0.46 -6.68 9.92
N SER B 528 1.23 -5.98 9.11
CA SER B 528 2.65 -6.22 9.03
C SER B 528 3.42 -5.41 10.07
N ILE B 529 2.73 -4.64 10.89
CA ILE B 529 3.36 -3.86 11.94
C ILE B 529 3.16 -4.49 13.31
N PHE B 530 1.92 -4.80 13.68
CA PHE B 530 1.72 -5.28 15.04
C PHE B 530 1.98 -6.79 15.07
N GLU B 531 1.84 -7.38 16.27
CA GLU B 531 2.05 -8.82 16.50
C GLU B 531 3.42 -9.27 16.02
N GLY B 532 4.39 -8.38 16.09
CA GLY B 532 5.71 -8.72 15.56
C GLY B 532 5.86 -8.11 14.19
N ALA B 533 6.56 -6.98 14.11
CA ALA B 533 6.71 -6.28 12.84
C ALA B 533 7.50 -7.13 11.86
N GLU B 534 7.23 -6.94 10.57
CA GLU B 534 7.81 -7.80 9.55
C GLU B 534 9.35 -7.92 9.69
N GLU B 535 10.03 -6.80 9.95
CA GLU B 535 11.50 -6.85 10.02
C GLU B 535 11.96 -7.59 11.25
N THR B 536 11.34 -7.32 12.40
CA THR B 536 11.65 -8.02 13.64
C THR B 536 11.48 -9.53 13.49
N LEU B 537 10.40 -9.96 12.82
CA LEU B 537 10.17 -11.39 12.64
C LEU B 537 11.16 -12.01 11.66
N ALA B 538 11.34 -11.37 10.50
CA ALA B 538 12.31 -11.85 9.51
C ALA B 538 13.70 -12.02 10.12
N LEU B 539 14.14 -11.08 10.96
CA LEU B 539 15.51 -11.07 11.48
C LEU B 539 15.68 -11.90 12.75
N LYS B 540 14.81 -11.70 13.74
CA LYS B 540 15.04 -12.21 15.09
C LYS B 540 14.25 -13.47 15.43
N VAL B 541 13.31 -13.90 14.59
CA VAL B 541 12.66 -15.19 14.77
C VAL B 541 12.97 -16.12 13.62
N ILE B 542 12.59 -15.73 12.40
CA ILE B 542 12.74 -16.60 11.25
C ILE B 542 14.20 -16.76 10.87
N GLY B 543 14.89 -15.63 10.60
CA GLY B 543 16.29 -15.70 10.22
C GLY B 543 17.16 -16.35 11.27
N ARG B 544 16.98 -15.97 12.53
CA ARG B 544 17.78 -16.58 13.62
C ARG B 544 17.56 -18.09 13.65
N SER B 545 16.31 -18.53 13.61
CA SER B 545 16.04 -19.96 13.70
C SER B 545 16.68 -20.71 12.55
N LEU B 546 16.55 -20.17 11.33
CA LEU B 546 17.17 -20.80 10.18
C LEU B 546 18.67 -20.93 10.36
N LEU B 547 19.31 -19.88 10.89
CA LEU B 547 20.77 -19.90 11.00
C LEU B 547 21.22 -20.83 12.12
N GLU B 548 20.51 -20.80 13.24
CA GLU B 548 20.80 -21.72 14.36
C GLU B 548 20.65 -23.17 13.88
N ALA B 549 19.57 -23.48 13.17
CA ALA B 549 19.37 -24.84 12.66
C ALA B 549 20.52 -25.27 11.76
N ALA B 550 21.06 -24.35 10.95
CA ALA B 550 22.15 -24.72 10.06
C ALA B 550 23.44 -24.99 10.84
N LEU B 551 23.71 -24.19 11.87
CA LEU B 551 24.84 -24.45 12.74
C LEU B 551 24.73 -25.83 13.41
N LYS B 552 23.60 -26.08 14.08
CA LYS B 552 23.42 -27.35 14.78
C LYS B 552 23.58 -28.53 13.84
N ALA B 553 23.15 -28.39 12.60
CA ALA B 553 23.22 -29.50 11.65
C ALA B 553 24.66 -29.76 11.20
N GLU B 554 25.53 -28.76 11.29
CA GLU B 554 26.91 -28.91 10.74
C GLU B 554 27.89 -29.26 11.87
N ALA B 555 27.38 -29.47 13.09
CA ALA B 555 28.25 -29.78 14.24
C ALA B 555 28.16 -31.26 14.59
#